data_6R0E
#
_entry.id   6R0E
#
_cell.length_a   132.280
_cell.length_b   184.900
_cell.length_c   50.200
_cell.angle_alpha   90.000
_cell.angle_beta   90.000
_cell.angle_gamma   90.000
#
_symmetry.space_group_name_H-M   'P 21 21 2'
#
loop_
_entity.id
_entity.type
_entity.pdbx_description
1 polymer 'HLA class II histocompatibility antigen, DR alpha chain'
2 polymer 'HLA class II histocompatibility antigen, DRB1-1 beta chain'
3 polymer Hemagglutinin
4 polymer 'F11-TCR Alpha Chain'
5 polymer 'F11-TCR Beta Chain'
6 non-polymer 1,2-ETHANEDIOL
7 non-polymer 'SULFATE ION'
8 non-polymer DI(HYDROXYETHYL)ETHER
9 water water
#
loop_
_entity_poly.entity_id
_entity_poly.type
_entity_poly.pdbx_seq_one_letter_code
_entity_poly.pdbx_strand_id
1 'polypeptide(L)'
;MIKEEHVIIQAEFYLNPDQSGEFMFDFDGDEIFHVDMAKKETVWRLEEFGRFASFEAQGALANIAVDKANLEIMTKRSNY
TPITNVPPEVTVLTNSPVELREPNVLICFIDKFTPPVVNVTWLRNGKPVTTGVSETVFLPREDHLFRKFHYLPFLPSTED
VYDCRVEHWGLDEPLLKHWEFDA
;
AAA
2 'polypeptide(L)'
;MGDTRPRFLWQLKFECHFFNGTERVRLLERCIYNQEESVRFDSDVGEYRAVTELGRPDAEYWNSQKDLLEQRRAAVDTYC
RHNYGVGESFTVQRRVEPKVTVYPSKTQPLQHHNLLVCSVSGFYPGSIEVRWFRNGQEEKAGVVSTGLIQNGDWTFQTLV
MLETVPRSGEVYTCQVEHPSVTSPLTVEWRA
;
BBB
3 'polypeptide(L)' PKYVKQNTLKLAT CCC
4 'polypeptide(L)'
;AQSVTQLGSHVSVSEGALVLLRCNYSSSVPPYLFWYVQYPNQGLQLLLKYTSAATLVKGINGFEAEFKKSETSFHLTKPS
AHMSDAAEYFCAVSEQDDKIIFGKGTRLHILPNIQNPDPAVYQLRDSKSSDKSVCLFTDFDSQTNVSQSKDSDVYITDKC
VLDMRSMDFKSNSAVAWSNKSDFACANAFNNSIIPEDTFFPS
;
DDD
5 'polypeptide(L)'
;ADVTQTPRNRITKTGKRIMLECSQTKGHDRMYWYRQDPGLGLRLIYYSFDVKDINKGEISDGYSVSRQAQAKFSLSLESA
IPNQTALYFCATSDESYGYTFGSGTRLTVVEDLNKVSPPEVAVFEPSEAEISHTQKATLVCLATGFYPDHVELSWWVNGK
EVHSGVCTDPQPLKEQPALNDSRYSLSSRLRVSATFWQNPRNHFRCQVQFYGLSENDEWTQDRAKPVTQIVSAEAWGRAD
;
EEE
#
# COMPACT_ATOMS: atom_id res chain seq x y z
N GLU A 4 -5.68 34.79 -9.40
CA GLU A 4 -5.15 33.74 -10.32
C GLU A 4 -6.09 32.52 -10.32
N GLU A 5 -5.77 31.51 -11.12
CA GLU A 5 -6.64 30.37 -11.48
C GLU A 5 -5.74 29.28 -12.09
N HIS A 6 -5.65 28.09 -11.47
CA HIS A 6 -4.79 26.99 -11.95
C HIS A 6 -5.61 25.70 -12.00
N VAL A 7 -5.24 24.75 -12.85
CA VAL A 7 -5.94 23.43 -12.93
C VAL A 7 -4.87 22.34 -13.04
N ILE A 8 -4.96 21.32 -12.17
CA ILE A 8 -4.04 20.17 -12.18
C ILE A 8 -4.89 18.94 -12.51
N ILE A 9 -4.48 18.22 -13.56
CA ILE A 9 -5.31 17.07 -14.04
C ILE A 9 -4.47 15.78 -13.93
N GLN A 10 -5.03 14.77 -13.33
CA GLN A 10 -4.46 13.43 -13.49
C GLN A 10 -5.29 12.73 -14.57
N ALA A 11 -4.67 12.44 -15.72
CA ALA A 11 -5.37 11.87 -16.89
C ALA A 11 -4.76 10.51 -17.20
N GLU A 12 -5.61 9.48 -17.22
CA GLU A 12 -5.27 8.09 -17.59
C GLU A 12 -6.22 7.62 -18.70
N PHE A 13 -5.78 6.62 -19.47
CA PHE A 13 -6.64 5.91 -20.43
C PHE A 13 -6.12 4.47 -20.60
N TYR A 14 -7.04 3.61 -21.00
CA TYR A 14 -6.74 2.26 -21.51
C TYR A 14 -7.52 2.02 -22.80
N LEU A 15 -6.86 1.45 -23.81
CA LEU A 15 -7.42 1.22 -25.18
C LEU A 15 -7.27 -0.26 -25.52
N ASN A 16 -8.41 -0.92 -25.83
CA ASN A 16 -8.48 -2.29 -26.40
C ASN A 16 -8.89 -2.17 -27.86
N PRO A 17 -8.50 -3.11 -28.74
CA PRO A 17 -7.59 -4.21 -28.36
C PRO A 17 -6.08 -3.90 -28.35
N ASP A 18 -5.66 -2.65 -28.59
CA ASP A 18 -4.22 -2.24 -28.65
C ASP A 18 -3.48 -2.57 -27.33
N GLN A 19 -4.19 -2.64 -26.19
CA GLN A 19 -3.60 -2.85 -24.84
C GLN A 19 -2.55 -1.76 -24.62
N SER A 20 -2.93 -0.49 -24.84
CA SER A 20 -2.10 0.70 -24.61
C SER A 20 -2.76 1.51 -23.48
N GLY A 21 -1.96 1.96 -22.52
CA GLY A 21 -2.43 2.73 -21.35
C GLY A 21 -1.43 3.84 -21.10
N GLU A 22 -1.92 5.01 -20.66
CA GLU A 22 -1.02 6.12 -20.27
C GLU A 22 -1.51 6.71 -18.96
N PHE A 23 -0.57 7.33 -18.26
CA PHE A 23 -0.76 7.99 -16.95
C PHE A 23 0.09 9.25 -16.97
N MET A 24 -0.54 10.40 -16.80
CA MET A 24 0.16 11.71 -16.89
C MET A 24 -0.53 12.73 -15.99
N PHE A 25 0.23 13.72 -15.48
CA PHE A 25 -0.34 14.89 -14.79
C PHE A 25 -0.16 16.11 -15.68
N ASP A 26 -1.17 16.96 -15.71
CA ASP A 26 -1.23 18.20 -16.54
C ASP A 26 -1.45 19.38 -15.59
N PHE A 27 -0.67 20.45 -15.79
CA PHE A 27 -0.82 21.76 -15.10
C PHE A 27 -1.06 22.82 -16.17
N ASP A 28 -2.30 23.34 -16.24
CA ASP A 28 -2.74 24.46 -17.13
C ASP A 28 -2.39 24.13 -18.60
N GLY A 29 -2.49 22.86 -19.01
CA GLY A 29 -2.33 22.46 -20.43
C GLY A 29 -0.91 22.06 -20.81
N ASP A 30 0.06 22.05 -19.89
CA ASP A 30 1.42 21.45 -20.11
C ASP A 30 1.51 20.19 -19.26
N GLU A 31 2.28 19.20 -19.73
CA GLU A 31 2.53 17.92 -19.00
C GLU A 31 3.62 18.15 -17.93
N ILE A 32 3.38 17.75 -16.68
CA ILE A 32 4.40 17.83 -15.60
C ILE A 32 5.30 16.60 -15.72
N PHE A 33 4.67 15.41 -15.73
CA PHE A 33 5.30 14.11 -15.99
C PHE A 33 4.27 13.12 -16.57
N HIS A 34 4.80 12.00 -17.08
CA HIS A 34 4.05 10.74 -17.26
C HIS A 34 4.87 9.57 -16.71
N VAL A 35 4.21 8.42 -16.64
CA VAL A 35 4.85 7.16 -16.20
C VAL A 35 5.11 6.27 -17.41
N ASP A 36 6.38 5.91 -17.59
CA ASP A 36 6.82 4.81 -18.48
C ASP A 36 6.48 3.49 -17.77
N MET A 37 5.38 2.86 -18.19
CA MET A 37 4.80 1.61 -17.64
C MET A 37 5.81 0.47 -17.75
N ALA A 38 6.50 0.34 -18.90
CA ALA A 38 7.48 -0.74 -19.19
C ALA A 38 8.61 -0.72 -18.15
N LYS A 39 9.16 0.46 -17.86
CA LYS A 39 10.36 0.64 -17.02
C LYS A 39 9.96 1.14 -15.62
N LYS A 40 8.68 1.35 -15.34
CA LYS A 40 8.24 1.84 -14.01
C LYS A 40 9.09 3.05 -13.64
N GLU A 41 9.15 4.05 -14.50
CA GLU A 41 9.93 5.27 -14.26
C GLU A 41 9.00 6.45 -14.47
N THR A 42 9.10 7.45 -13.59
CA THR A 42 8.47 8.78 -13.79
C THR A 42 9.31 9.55 -14.80
N VAL A 43 8.68 10.15 -15.83
CA VAL A 43 9.40 10.90 -16.87
C VAL A 43 8.96 12.35 -16.73
N TRP A 44 9.90 13.18 -16.32
CA TRP A 44 9.68 14.63 -16.12
C TRP A 44 9.71 15.30 -17.50
N ARG A 45 8.75 16.15 -17.79
CA ARG A 45 8.67 16.84 -19.11
C ARG A 45 9.90 17.76 -19.26
N LEU A 46 10.31 18.46 -18.19
CA LEU A 46 11.66 19.08 -18.11
C LEU A 46 12.42 18.35 -17.02
N GLU A 47 13.74 18.17 -17.19
CA GLU A 47 14.55 17.40 -16.21
C GLU A 47 14.57 18.14 -14.86
N GLU A 48 14.63 19.48 -14.87
CA GLU A 48 14.54 20.35 -13.66
C GLU A 48 13.53 19.77 -12.65
N PHE A 49 12.31 19.46 -13.10
CA PHE A 49 11.15 19.09 -12.22
C PHE A 49 11.51 17.91 -11.30
N GLY A 50 12.22 16.90 -11.83
CA GLY A 50 12.73 15.73 -11.09
C GLY A 50 13.71 16.11 -9.98
N ARG A 51 14.29 17.32 -10.00
CA ARG A 51 15.20 17.81 -8.93
C ARG A 51 14.42 18.34 -7.72
N PHE A 52 13.14 18.72 -7.89
CA PHE A 52 12.30 19.36 -6.83
C PHE A 52 11.20 18.42 -6.31
N ALA A 53 10.79 17.40 -7.07
CA ALA A 53 9.63 16.54 -6.74
C ALA A 53 9.89 15.08 -7.15
N SER A 54 9.14 14.17 -6.54
CA SER A 54 9.15 12.74 -6.93
C SER A 54 7.72 12.21 -7.08
N PHE A 55 7.62 11.08 -7.74
CA PHE A 55 6.37 10.30 -7.91
C PHE A 55 6.72 8.80 -7.92
N GLU A 56 6.02 8.02 -7.11
CA GLU A 56 6.19 6.55 -7.07
C GLU A 56 5.48 5.90 -8.25
N ALA A 57 6.24 5.70 -9.32
CA ALA A 57 5.72 5.33 -10.65
C ALA A 57 4.82 4.10 -10.53
N GLN A 58 5.16 3.20 -9.58
CA GLN A 58 4.47 1.90 -9.42
C GLN A 58 2.98 2.17 -9.23
N GLY A 59 2.64 3.24 -8.54
CA GLY A 59 1.24 3.65 -8.28
C GLY A 59 0.41 3.70 -9.55
N ALA A 60 0.99 4.25 -10.61
CA ALA A 60 0.35 4.30 -11.94
C ALA A 60 -0.07 2.89 -12.38
N LEU A 61 0.72 1.86 -12.13
CA LEU A 61 0.39 0.53 -12.65
C LEU A 61 -0.86 -0.03 -11.95
N ALA A 62 -1.08 0.25 -10.67
CA ALA A 62 -2.31 -0.17 -9.94
C ALA A 62 -3.51 0.52 -10.59
N ASN A 63 -3.42 1.80 -10.89
CA ASN A 63 -4.58 2.52 -11.50
C ASN A 63 -4.88 1.92 -12.88
N ILE A 64 -3.86 1.68 -13.71
CA ILE A 64 -4.05 1.14 -15.08
C ILE A 64 -4.67 -0.26 -14.95
N ALA A 65 -4.23 -1.08 -14.02
CA ALA A 65 -4.85 -2.41 -13.83
C ALA A 65 -6.36 -2.23 -13.68
N VAL A 66 -6.79 -1.26 -12.87
CA VAL A 66 -8.23 -1.04 -12.55
C VAL A 66 -8.93 -0.39 -13.78
N ASP A 67 -8.33 0.58 -14.49
CA ASP A 67 -8.75 1.10 -15.81
C ASP A 67 -9.08 -0.07 -16.76
N LYS A 68 -8.15 -1.02 -16.89
CA LYS A 68 -8.26 -2.26 -17.72
C LYS A 68 -9.52 -3.06 -17.32
N ALA A 69 -9.69 -3.33 -16.02
CA ALA A 69 -10.89 -4.03 -15.49
C ALA A 69 -12.16 -3.21 -15.81
N ASN A 70 -12.16 -1.90 -15.62
CA ASN A 70 -13.33 -1.01 -15.90
C ASN A 70 -13.64 -0.94 -17.40
N LEU A 71 -12.62 -0.94 -18.25
CA LEU A 71 -12.86 -0.85 -19.71
C LEU A 71 -13.59 -2.12 -20.13
N GLU A 72 -13.18 -3.29 -19.59
CA GLU A 72 -13.85 -4.57 -19.90
C GLU A 72 -15.31 -4.54 -19.41
N ILE A 73 -15.57 -4.02 -18.21
CA ILE A 73 -16.97 -3.97 -17.66
C ILE A 73 -17.86 -3.07 -18.54
N MET A 74 -17.39 -1.88 -18.89
CA MET A 74 -18.12 -0.86 -19.68
C MET A 74 -18.36 -1.40 -21.11
N THR A 75 -17.34 -2.03 -21.71
CA THR A 75 -17.44 -2.73 -23.00
C THR A 75 -18.60 -3.74 -22.94
N LYS A 76 -18.65 -4.58 -21.91
CA LYS A 76 -19.71 -5.61 -21.76
C LYS A 76 -21.07 -4.93 -21.56
N ARG A 77 -21.09 -3.86 -20.77
CA ARG A 77 -22.35 -3.14 -20.44
C ARG A 77 -22.92 -2.49 -21.71
N SER A 78 -22.08 -1.90 -22.55
CA SER A 78 -22.46 -1.22 -23.82
C SER A 78 -22.84 -2.25 -24.89
N ASN A 79 -22.74 -3.54 -24.59
CA ASN A 79 -22.96 -4.66 -25.55
C ASN A 79 -21.91 -4.58 -26.69
N TYR A 80 -20.67 -4.23 -26.36
CA TYR A 80 -19.49 -4.17 -27.27
C TYR A 80 -19.72 -3.11 -28.36
N THR A 81 -20.15 -1.91 -27.95
CA THR A 81 -20.28 -0.71 -28.81
C THR A 81 -18.89 -0.08 -28.86
N PRO A 82 -18.32 0.07 -30.07
CA PRO A 82 -17.00 0.65 -30.19
C PRO A 82 -17.06 2.18 -30.30
N ILE A 83 -15.89 2.77 -30.15
CA ILE A 83 -15.71 4.23 -30.25
C ILE A 83 -15.84 4.61 -31.70
N THR A 84 -16.41 5.80 -31.90
CA THR A 84 -16.49 6.51 -33.19
C THR A 84 -15.19 7.28 -33.42
N ASN A 85 -14.50 6.96 -34.52
CA ASN A 85 -13.19 7.55 -34.87
C ASN A 85 -13.39 9.05 -35.15
N VAL A 86 -12.56 9.92 -34.57
CA VAL A 86 -12.57 11.38 -34.85
C VAL A 86 -11.19 11.75 -35.42
N PRO A 87 -11.15 12.23 -36.67
CA PRO A 87 -9.87 12.48 -37.34
C PRO A 87 -9.17 13.73 -36.76
N PRO A 88 -7.80 13.74 -36.82
CA PRO A 88 -7.01 14.83 -36.26
C PRO A 88 -6.94 16.02 -37.21
N GLU A 89 -6.69 17.20 -36.64
CA GLU A 89 -6.22 18.40 -37.39
C GLU A 89 -4.72 18.45 -37.15
N VAL A 90 -3.96 18.85 -38.16
CA VAL A 90 -2.47 18.91 -38.09
C VAL A 90 -2.05 20.34 -38.35
N THR A 91 -1.31 20.95 -37.42
CA THR A 91 -0.58 22.23 -37.64
C THR A 91 0.91 21.91 -37.62
N VAL A 92 1.67 22.53 -38.50
CA VAL A 92 3.14 22.36 -38.57
C VAL A 92 3.71 23.76 -38.36
N LEU A 93 4.56 23.94 -37.37
CA LEU A 93 5.12 25.29 -37.09
C LEU A 93 6.51 25.12 -36.48
N THR A 94 7.17 26.25 -36.24
CA THR A 94 8.56 26.33 -35.74
C THR A 94 8.55 26.69 -34.25
N ASN A 95 9.52 26.16 -33.51
CA ASN A 95 9.67 26.32 -32.02
C ASN A 95 9.87 27.82 -31.70
N SER A 96 10.62 28.52 -32.56
CA SER A 96 10.94 29.98 -32.49
C SER A 96 10.87 30.55 -33.91
N PRO A 97 11.01 31.88 -34.14
CA PRO A 97 11.22 32.39 -35.51
C PRO A 97 12.47 31.74 -36.13
N VAL A 98 12.60 31.76 -37.47
CA VAL A 98 13.57 30.91 -38.23
C VAL A 98 14.65 31.78 -38.92
N GLU A 99 15.91 31.59 -38.51
CA GLU A 99 17.13 32.26 -39.04
C GLU A 99 17.99 31.22 -39.77
N LEU A 100 18.69 31.62 -40.84
CA LEU A 100 19.48 30.73 -41.74
C LEU A 100 20.69 30.15 -40.99
N ARG A 101 20.82 28.81 -40.98
CA ARG A 101 21.99 28.08 -40.42
C ARG A 101 22.05 28.21 -38.89
N GLU A 102 20.97 28.63 -38.23
CA GLU A 102 20.82 28.68 -36.75
C GLU A 102 19.84 27.59 -36.29
N PRO A 103 20.32 26.40 -35.83
CA PRO A 103 19.46 25.28 -35.44
C PRO A 103 18.20 25.66 -34.64
N ASN A 104 17.04 25.27 -35.17
CA ASN A 104 15.68 25.41 -34.58
C ASN A 104 15.12 24.01 -34.33
N VAL A 105 13.81 23.90 -34.06
CA VAL A 105 13.05 22.62 -33.97
C VAL A 105 11.70 22.81 -34.66
N LEU A 106 11.32 21.83 -35.50
CA LEU A 106 10.02 21.75 -36.23
C LEU A 106 9.03 20.98 -35.33
N ILE A 107 7.89 21.61 -35.00
CA ILE A 107 6.74 21.02 -34.26
C ILE A 107 5.72 20.53 -35.28
N CYS A 108 5.30 19.27 -35.18
CA CYS A 108 4.02 18.78 -35.77
C CYS A 108 3.03 18.66 -34.62
N PHE A 109 2.02 19.55 -34.58
CA PHE A 109 0.93 19.53 -33.56
C PHE A 109 -0.28 18.79 -34.15
N ILE A 110 -0.73 17.75 -33.46
CA ILE A 110 -1.84 16.84 -33.88
C ILE A 110 -2.93 16.92 -32.81
N ASP A 111 -4.15 17.26 -33.20
CA ASP A 111 -5.18 17.78 -32.27
C ASP A 111 -6.56 17.22 -32.65
N LYS A 112 -7.42 17.08 -31.65
CA LYS A 112 -8.88 16.90 -31.85
C LYS A 112 -9.17 15.50 -32.41
N PHE A 113 -8.54 14.44 -31.86
CA PHE A 113 -8.63 13.08 -32.45
C PHE A 113 -8.88 12.07 -31.34
N THR A 114 -9.56 10.98 -31.68
CA THR A 114 -9.72 9.75 -30.84
C THR A 114 -10.00 8.60 -31.82
N PRO A 115 -9.64 7.33 -31.51
CA PRO A 115 -8.86 6.95 -30.34
C PRO A 115 -7.38 7.38 -30.40
N PRO A 116 -6.63 7.27 -29.28
CA PRO A 116 -5.25 7.77 -29.22
C PRO A 116 -4.23 6.79 -29.80
N VAL A 117 -4.26 6.67 -31.12
CA VAL A 117 -3.32 5.85 -31.94
C VAL A 117 -3.12 6.64 -33.23
N VAL A 118 -1.91 7.17 -33.45
CA VAL A 118 -1.53 7.84 -34.72
C VAL A 118 -0.15 7.34 -35.14
N ASN A 119 0.09 7.34 -36.44
CA ASN A 119 1.42 7.08 -37.04
C ASN A 119 1.86 8.38 -37.70
N VAL A 120 2.99 8.93 -37.25
CA VAL A 120 3.56 10.23 -37.67
C VAL A 120 4.91 9.94 -38.30
N THR A 121 5.14 10.50 -39.48
CA THR A 121 6.39 10.39 -40.29
C THR A 121 6.89 11.80 -40.58
N TRP A 122 8.20 12.01 -40.50
CA TRP A 122 8.89 13.26 -40.90
C TRP A 122 9.53 13.03 -42.27
N LEU A 123 9.12 13.77 -43.29
CA LEU A 123 9.73 13.70 -44.65
C LEU A 123 10.47 15.01 -44.96
N ARG A 124 11.78 14.91 -45.22
CA ARG A 124 12.67 16.03 -45.66
C ARG A 124 13.02 15.79 -47.14
N ASN A 125 12.44 16.58 -48.05
CA ASN A 125 12.62 16.49 -49.53
C ASN A 125 12.11 15.12 -50.03
N GLY A 126 11.12 14.53 -49.36
CA GLY A 126 10.48 13.25 -49.77
C GLY A 126 11.01 12.05 -49.03
N LYS A 127 12.22 12.15 -48.45
CA LYS A 127 12.89 11.09 -47.64
C LYS A 127 12.30 11.07 -46.23
N PRO A 128 11.88 9.90 -45.69
CA PRO A 128 11.54 9.79 -44.27
C PRO A 128 12.82 9.95 -43.45
N VAL A 129 12.81 10.84 -42.45
CA VAL A 129 13.99 11.18 -41.57
C VAL A 129 13.59 10.90 -40.11
N THR A 130 14.53 10.36 -39.32
CA THR A 130 14.30 9.87 -37.93
C THR A 130 15.28 10.53 -36.94
N THR A 131 16.45 10.97 -37.38
CA THR A 131 17.49 11.69 -36.59
C THR A 131 16.86 12.75 -35.68
N GLY A 132 17.13 12.67 -34.38
CA GLY A 132 16.82 13.71 -33.38
C GLY A 132 15.34 13.77 -33.01
N VAL A 133 14.48 12.93 -33.61
CA VAL A 133 13.00 13.00 -33.45
C VAL A 133 12.63 12.62 -32.01
N SER A 134 11.60 13.27 -31.47
CA SER A 134 10.94 12.92 -30.18
C SER A 134 9.46 13.29 -30.27
N GLU A 135 8.69 12.90 -29.25
CA GLU A 135 7.23 13.17 -29.15
C GLU A 135 6.81 13.19 -27.68
N THR A 136 5.73 13.91 -27.39
CA THR A 136 4.99 13.86 -26.09
C THR A 136 4.07 12.63 -26.09
N VAL A 137 3.43 12.40 -24.95
CA VAL A 137 2.37 11.36 -24.86
C VAL A 137 1.08 11.99 -25.41
N PHE A 138 -0.02 11.24 -25.40
CA PHE A 138 -1.38 11.71 -25.82
C PHE A 138 -1.91 12.62 -24.71
N LEU A 139 -2.04 13.92 -24.97
CA LEU A 139 -2.42 14.92 -23.95
C LEU A 139 -3.93 15.08 -23.94
N PRO A 140 -4.52 15.39 -22.76
CA PRO A 140 -5.97 15.57 -22.65
C PRO A 140 -6.47 16.92 -23.21
N ARG A 141 -7.74 16.92 -23.66
CA ARG A 141 -8.57 18.11 -23.98
C ARG A 141 -9.87 18.02 -23.21
N GLU A 142 -10.48 19.18 -22.93
CA GLU A 142 -11.78 19.29 -22.22
C GLU A 142 -12.87 18.47 -22.93
N ASP A 143 -12.89 18.33 -24.27
CA ASP A 143 -13.93 17.52 -24.98
C ASP A 143 -13.60 16.01 -25.00
N HIS A 144 -12.52 15.57 -24.32
CA HIS A 144 -12.14 14.13 -24.16
C HIS A 144 -11.49 13.61 -25.44
N LEU A 145 -11.17 14.49 -26.38
CA LEU A 145 -10.30 14.18 -27.54
C LEU A 145 -8.83 14.30 -27.13
N PHE A 146 -7.89 13.98 -28.03
CA PHE A 146 -6.45 14.07 -27.68
C PHE A 146 -5.71 15.14 -28.51
N ARG A 147 -4.63 15.64 -27.91
CA ARG A 147 -3.56 16.45 -28.55
C ARG A 147 -2.25 15.67 -28.48
N LYS A 148 -1.35 15.87 -29.45
CA LYS A 148 0.03 15.34 -29.42
C LYS A 148 0.98 16.33 -30.11
N PHE A 149 2.23 16.38 -29.63
CA PHE A 149 3.37 17.09 -30.24
C PHE A 149 4.43 16.08 -30.69
N HIS A 150 4.91 16.24 -31.93
CA HIS A 150 6.08 15.52 -32.52
C HIS A 150 7.16 16.57 -32.81
N TYR A 151 8.43 16.27 -32.53
CA TYR A 151 9.53 17.27 -32.63
C TYR A 151 10.68 16.78 -33.53
N LEU A 152 11.14 17.63 -34.45
CA LEU A 152 12.32 17.39 -35.34
C LEU A 152 13.28 18.58 -35.25
N PRO A 153 14.43 18.46 -34.55
CA PRO A 153 15.50 19.46 -34.61
C PRO A 153 16.12 19.48 -36.01
N PHE A 154 16.51 20.65 -36.51
CA PHE A 154 16.97 20.79 -37.91
C PHE A 154 17.73 22.10 -38.09
N LEU A 155 18.55 22.16 -39.14
CA LEU A 155 19.29 23.35 -39.64
C LEU A 155 18.45 24.03 -40.72
N PRO A 156 17.94 25.26 -40.50
CA PRO A 156 17.15 25.98 -41.51
C PRO A 156 17.97 26.40 -42.74
N SER A 157 17.41 26.17 -43.93
CA SER A 157 18.00 26.52 -45.25
C SER A 157 16.92 26.52 -46.34
N THR A 158 17.19 27.22 -47.44
CA THR A 158 16.32 27.29 -48.66
C THR A 158 16.40 25.96 -49.43
N GLU A 159 17.36 25.08 -49.09
CA GLU A 159 17.58 23.77 -49.77
C GLU A 159 16.47 22.79 -49.41
N ASP A 160 16.07 22.74 -48.13
CA ASP A 160 15.24 21.66 -47.54
C ASP A 160 13.78 22.09 -47.45
N VAL A 161 12.86 21.21 -47.86
CA VAL A 161 11.38 21.29 -47.71
C VAL A 161 10.93 20.15 -46.79
N TYR A 162 9.88 20.37 -45.99
CA TYR A 162 9.46 19.45 -44.89
C TYR A 162 7.98 19.06 -45.03
N ASP A 163 7.68 17.81 -44.65
CA ASP A 163 6.30 17.30 -44.50
C ASP A 163 6.20 16.47 -43.20
N CYS A 164 5.19 16.76 -42.38
CA CYS A 164 4.68 15.85 -41.30
C CYS A 164 3.53 15.05 -41.94
N ARG A 165 3.66 13.71 -42.00
CA ARG A 165 2.58 12.82 -42.50
C ARG A 165 1.91 12.13 -41.31
N VAL A 166 0.59 12.31 -41.18
CA VAL A 166 -0.18 11.69 -40.06
C VAL A 166 -1.13 10.68 -40.69
N GLU A 167 -1.18 9.48 -40.11
CA GLU A 167 -2.22 8.46 -40.42
C GLU A 167 -3.05 8.22 -39.15
N HIS A 168 -4.36 8.08 -39.33
CA HIS A 168 -5.35 7.86 -38.24
C HIS A 168 -6.58 7.19 -38.85
N TRP A 169 -7.22 6.26 -38.12
CA TRP A 169 -8.39 5.47 -38.60
C TRP A 169 -9.54 6.39 -39.05
N GLY A 170 -9.68 7.58 -38.45
CA GLY A 170 -10.76 8.54 -38.78
C GLY A 170 -10.57 9.22 -40.13
N LEU A 171 -9.35 9.22 -40.69
CA LEU A 171 -8.99 9.82 -41.99
C LEU A 171 -9.20 8.81 -43.12
N ASP A 172 -9.58 9.26 -44.32
CA ASP A 172 -9.79 8.39 -45.51
C ASP A 172 -8.49 8.32 -46.31
N GLU A 173 -7.54 9.22 -46.07
CA GLU A 173 -6.15 9.10 -46.59
C GLU A 173 -5.25 9.84 -45.61
N PRO A 174 -3.91 9.59 -45.63
CA PRO A 174 -3.00 10.29 -44.70
C PRO A 174 -3.01 11.80 -44.91
N LEU A 175 -2.98 12.59 -43.83
CA LEU A 175 -2.77 14.07 -43.92
C LEU A 175 -1.28 14.36 -44.08
N LEU A 176 -0.89 15.15 -45.07
CA LEU A 176 0.52 15.51 -45.33
C LEU A 176 0.66 17.04 -45.22
N LYS A 177 1.22 17.52 -44.11
CA LYS A 177 1.34 18.98 -43.85
C LYS A 177 2.77 19.44 -44.14
N HIS A 178 2.90 20.53 -44.89
CA HIS A 178 4.14 21.01 -45.56
C HIS A 178 4.76 22.13 -44.74
N TRP A 179 6.10 22.25 -44.78
CA TRP A 179 6.86 23.44 -44.29
C TRP A 179 8.08 23.69 -45.18
N GLU A 180 8.25 24.95 -45.64
CA GLU A 180 9.46 25.50 -46.34
C GLU A 180 9.91 26.79 -45.64
N PHE A 181 11.09 27.32 -45.98
CA PHE A 181 11.56 28.67 -45.53
C PHE A 181 11.56 29.64 -46.73
N MET B 1 -3.57 2.41 -39.86
CA MET B 1 -3.40 0.93 -39.74
C MET B 1 -4.53 0.22 -40.50
N GLY B 2 -4.19 -0.65 -41.47
CA GLY B 2 -5.12 -1.45 -42.31
C GLY B 2 -6.02 -2.36 -41.47
N ASP B 3 -5.54 -2.73 -40.28
CA ASP B 3 -6.30 -3.27 -39.11
C ASP B 3 -7.68 -2.58 -39.00
N THR B 4 -8.78 -3.34 -39.08
CA THR B 4 -10.17 -2.81 -39.14
C THR B 4 -10.86 -2.98 -37.77
N ARG B 5 -10.21 -3.58 -36.77
CA ARG B 5 -10.91 -4.05 -35.56
C ARG B 5 -11.57 -2.88 -34.82
N PRO B 6 -12.71 -3.10 -34.16
CA PRO B 6 -13.32 -2.04 -33.35
C PRO B 6 -12.46 -1.75 -32.11
N ARG B 7 -12.42 -0.48 -31.70
CA ARG B 7 -11.66 0.00 -30.50
C ARG B 7 -12.65 0.34 -29.37
N PHE B 8 -12.21 0.18 -28.11
CA PHE B 8 -12.97 0.48 -26.87
C PHE B 8 -12.00 1.22 -25.94
N LEU B 9 -12.40 2.41 -25.52
CA LEU B 9 -11.53 3.40 -24.85
C LEU B 9 -12.17 3.76 -23.51
N TRP B 10 -11.33 3.68 -22.49
CA TRP B 10 -11.62 4.13 -21.12
C TRP B 10 -10.66 5.28 -20.77
N GLN B 11 -11.22 6.42 -20.38
CA GLN B 11 -10.48 7.59 -19.91
C GLN B 11 -10.97 7.95 -18.50
N LEU B 12 -10.04 8.43 -17.70
CA LEU B 12 -10.26 8.87 -16.32
C LEU B 12 -9.59 10.23 -16.18
N LYS B 13 -10.34 11.19 -15.62
CA LYS B 13 -9.79 12.51 -15.25
C LYS B 13 -10.12 12.79 -13.79
N PHE B 14 -9.07 13.08 -13.03
CA PHE B 14 -9.18 13.80 -11.75
C PHE B 14 -8.68 15.22 -12.01
N GLU B 15 -9.60 16.15 -11.85
CA GLU B 15 -9.39 17.59 -12.12
C GLU B 15 -9.41 18.31 -10.78
N CYS B 16 -8.30 18.96 -10.43
CA CYS B 16 -8.22 19.91 -9.29
C CYS B 16 -8.18 21.35 -9.80
N HIS B 17 -9.19 22.14 -9.43
CA HIS B 17 -9.43 23.55 -9.84
C HIS B 17 -9.09 24.49 -8.67
N PHE B 18 -8.12 25.41 -8.86
CA PHE B 18 -7.58 26.30 -7.81
C PHE B 18 -7.93 27.76 -8.11
N PHE B 19 -8.62 28.41 -7.18
CA PHE B 19 -9.05 29.83 -7.20
C PHE B 19 -8.28 30.57 -6.11
N ASN B 20 -7.61 31.68 -6.48
CA ASN B 20 -6.79 32.50 -5.55
C ASN B 20 -5.79 31.59 -4.82
N GLY B 21 -5.03 30.79 -5.57
CA GLY B 21 -4.20 29.71 -4.99
C GLY B 21 -5.09 28.60 -4.45
N THR B 22 -4.91 28.23 -3.18
CA THR B 22 -5.63 27.11 -2.53
C THR B 22 -6.74 27.67 -1.63
N GLU B 23 -7.12 28.94 -1.79
CA GLU B 23 -8.22 29.54 -0.98
C GLU B 23 -9.50 28.75 -1.26
N ARG B 24 -9.81 28.53 -2.54
CA ARG B 24 -10.98 27.74 -2.99
C ARG B 24 -10.46 26.65 -3.93
N VAL B 25 -10.83 25.40 -3.66
CA VAL B 25 -10.40 24.24 -4.48
C VAL B 25 -11.66 23.45 -4.86
N ARG B 26 -11.72 22.93 -6.07
CA ARG B 26 -12.83 22.05 -6.51
C ARG B 26 -12.24 20.81 -7.22
N LEU B 27 -12.77 19.65 -6.87
CA LEU B 27 -12.31 18.35 -7.37
C LEU B 27 -13.40 17.77 -8.27
N LEU B 28 -13.02 17.40 -9.48
CA LEU B 28 -13.94 16.76 -10.44
C LEU B 28 -13.31 15.42 -10.85
N GLU B 29 -13.93 14.30 -10.51
CA GLU B 29 -13.54 12.96 -11.01
C GLU B 29 -14.46 12.59 -12.15
N ARG B 30 -13.92 12.13 -13.27
CA ARG B 30 -14.71 11.89 -14.52
C ARG B 30 -14.35 10.55 -15.14
N CYS B 31 -15.32 9.65 -15.21
CA CYS B 31 -15.25 8.32 -15.91
C CYS B 31 -15.83 8.51 -17.32
N ILE B 32 -15.07 8.15 -18.36
CA ILE B 32 -15.35 8.49 -19.80
C ILE B 32 -15.15 7.23 -20.65
N TYR B 33 -16.24 6.68 -21.21
CA TYR B 33 -16.30 5.49 -22.11
C TYR B 33 -16.60 5.96 -23.54
N ASN B 34 -15.69 5.61 -24.45
CA ASN B 34 -15.75 5.90 -25.90
C ASN B 34 -16.03 7.40 -26.06
N GLN B 35 -15.32 8.25 -25.33
CA GLN B 35 -15.40 9.74 -25.41
C GLN B 35 -16.65 10.31 -24.71
N GLU B 36 -17.50 9.50 -24.07
CA GLU B 36 -18.70 10.05 -23.38
C GLU B 36 -18.55 9.82 -21.87
N GLU B 37 -18.61 10.90 -21.11
CA GLU B 37 -18.53 10.86 -19.64
C GLU B 37 -19.79 10.12 -19.14
N SER B 38 -19.63 9.13 -18.26
CA SER B 38 -20.72 8.25 -17.75
C SER B 38 -21.11 8.60 -16.29
N VAL B 39 -20.11 8.92 -15.47
CA VAL B 39 -20.25 9.25 -14.01
C VAL B 39 -19.16 10.26 -13.63
N ARG B 40 -19.50 11.11 -12.67
CA ARG B 40 -18.58 12.10 -12.11
C ARG B 40 -18.84 12.27 -10.62
N PHE B 41 -17.77 12.52 -9.89
CA PHE B 41 -17.78 13.10 -8.54
C PHE B 41 -17.34 14.56 -8.66
N ASP B 42 -18.17 15.43 -8.09
CA ASP B 42 -17.89 16.89 -7.99
C ASP B 42 -17.86 17.21 -6.49
N SER B 43 -16.78 17.79 -5.99
CA SER B 43 -16.60 18.12 -4.55
C SER B 43 -17.67 19.14 -4.15
N ASP B 44 -18.12 20.00 -5.08
CA ASP B 44 -19.19 20.98 -4.79
C ASP B 44 -20.53 20.26 -4.53
N VAL B 45 -20.73 19.06 -5.08
CA VAL B 45 -21.93 18.20 -4.80
C VAL B 45 -21.62 17.25 -3.64
N GLY B 46 -20.42 16.64 -3.62
CA GLY B 46 -19.95 15.72 -2.56
C GLY B 46 -20.47 14.30 -2.75
N GLU B 47 -21.08 13.94 -3.89
CA GLU B 47 -21.34 12.49 -4.17
C GLU B 47 -21.26 12.22 -5.67
N TYR B 48 -21.30 10.94 -6.04
CA TYR B 48 -21.25 10.52 -7.47
C TYR B 48 -22.61 10.78 -8.11
N ARG B 49 -22.60 11.11 -9.39
CA ARG B 49 -23.83 11.33 -10.21
C ARG B 49 -23.61 10.73 -11.59
N ALA B 50 -24.49 9.83 -12.02
CA ALA B 50 -24.63 9.37 -13.42
C ALA B 50 -24.70 10.59 -14.35
N VAL B 51 -23.84 10.68 -15.36
CA VAL B 51 -23.98 11.64 -16.49
C VAL B 51 -24.80 10.97 -17.61
N THR B 52 -24.88 9.64 -17.65
CA THR B 52 -25.72 8.87 -18.63
C THR B 52 -26.23 7.61 -17.93
N GLU B 53 -27.19 6.88 -18.52
CA GLU B 53 -27.82 5.67 -17.93
C GLU B 53 -26.76 4.61 -17.65
N LEU B 54 -25.72 4.54 -18.49
CA LEU B 54 -24.65 3.53 -18.37
C LEU B 54 -23.95 3.70 -17.01
N GLY B 55 -23.86 4.94 -16.51
CA GLY B 55 -23.17 5.29 -15.25
C GLY B 55 -23.99 5.04 -14.00
N ARG B 56 -25.31 4.84 -14.11
CA ARG B 56 -26.24 4.80 -12.95
C ARG B 56 -25.82 3.71 -11.95
N PRO B 57 -25.46 2.47 -12.37
CA PRO B 57 -25.05 1.42 -11.43
C PRO B 57 -23.81 1.81 -10.61
N ASP B 58 -22.90 2.60 -11.17
CA ASP B 58 -21.63 3.01 -10.54
C ASP B 58 -21.89 4.14 -9.54
N ALA B 59 -22.63 5.18 -9.93
CA ALA B 59 -23.06 6.22 -8.97
C ALA B 59 -23.68 5.53 -7.74
N GLU B 60 -24.66 4.65 -7.97
CA GLU B 60 -25.42 3.93 -6.90
C GLU B 60 -24.51 3.06 -6.02
N TYR B 61 -23.57 2.30 -6.61
CA TYR B 61 -22.67 1.38 -5.86
C TYR B 61 -21.65 2.21 -5.02
N TRP B 62 -21.02 3.24 -5.62
CA TRP B 62 -20.03 4.12 -4.94
C TRP B 62 -20.67 4.95 -3.83
N ASN B 63 -21.83 5.56 -4.08
CA ASN B 63 -22.53 6.46 -3.10
C ASN B 63 -23.03 5.62 -1.94
N SER B 64 -23.15 4.31 -2.13
CA SER B 64 -23.58 3.29 -1.14
C SER B 64 -22.58 3.21 0.03
N GLN B 65 -21.34 3.64 -0.18
CA GLN B 65 -20.15 3.39 0.68
C GLN B 65 -19.72 4.71 1.34
N LYS B 66 -20.31 4.96 2.52
CA LYS B 66 -20.20 6.23 3.29
C LYS B 66 -18.71 6.56 3.43
N ASP B 67 -17.88 5.62 3.90
CA ASP B 67 -16.45 5.90 4.22
C ASP B 67 -15.72 6.27 2.93
N LEU B 68 -16.03 5.58 1.84
CA LEU B 68 -15.51 5.89 0.48
C LEU B 68 -15.82 7.36 0.12
N LEU B 69 -17.09 7.78 0.21
CA LEU B 69 -17.51 9.18 -0.10
C LEU B 69 -16.78 10.18 0.82
N GLU B 70 -16.65 9.86 2.11
CA GLU B 70 -15.94 10.73 3.08
C GLU B 70 -14.50 10.97 2.65
N GLN B 71 -13.74 9.93 2.23
CA GLN B 71 -12.35 10.15 1.75
C GLN B 71 -12.37 10.96 0.46
N ARG B 72 -13.22 10.62 -0.50
CA ARG B 72 -13.22 11.40 -1.78
C ARG B 72 -13.37 12.91 -1.47
N ARG B 73 -14.15 13.28 -0.45
CA ARG B 73 -14.35 14.72 -0.07
C ARG B 73 -13.09 15.29 0.59
N ALA B 74 -12.42 14.49 1.43
CA ALA B 74 -11.17 14.90 2.11
C ALA B 74 -10.04 15.14 1.10
N ALA B 75 -10.08 14.47 -0.05
CA ALA B 75 -9.05 14.58 -1.11
C ALA B 75 -8.88 16.02 -1.61
N VAL B 76 -9.85 16.92 -1.41
CA VAL B 76 -9.60 18.36 -1.75
C VAL B 76 -8.38 18.86 -0.94
N ASP B 77 -8.14 18.31 0.25
CA ASP B 77 -6.98 18.64 1.11
C ASP B 77 -5.82 17.65 0.87
N THR B 78 -6.11 16.34 0.89
CA THR B 78 -5.08 15.29 0.93
C THR B 78 -4.51 14.98 -0.47
N TYR B 79 -5.14 15.50 -1.53
CA TYR B 79 -4.72 15.24 -2.93
C TYR B 79 -4.43 16.61 -3.58
N CYS B 80 -5.46 17.45 -3.72
CA CYS B 80 -5.41 18.73 -4.51
C CYS B 80 -4.47 19.74 -3.85
N ARG B 81 -4.75 20.12 -2.60
CA ARG B 81 -3.92 21.14 -1.88
C ARG B 81 -2.51 20.59 -1.75
N HIS B 82 -2.34 19.29 -1.48
CA HIS B 82 -1.01 18.67 -1.28
C HIS B 82 -0.22 18.80 -2.60
N ASN B 83 -0.77 18.31 -3.71
CA ASN B 83 -0.03 18.25 -5.00
C ASN B 83 0.29 19.67 -5.49
N TYR B 84 -0.59 20.63 -5.22
CA TYR B 84 -0.37 22.06 -5.54
C TYR B 84 0.92 22.54 -4.85
N GLY B 85 1.06 22.24 -3.57
CA GLY B 85 2.23 22.67 -2.78
C GLY B 85 3.50 21.97 -3.22
N VAL B 86 3.38 20.76 -3.77
CA VAL B 86 4.54 19.96 -4.25
C VAL B 86 5.13 20.74 -5.43
N GLY B 87 4.28 21.12 -6.39
CA GLY B 87 4.72 21.66 -7.69
C GLY B 87 4.96 23.15 -7.71
N GLU B 88 4.53 23.88 -6.68
CA GLU B 88 4.36 25.36 -6.72
C GLU B 88 5.66 26.02 -7.25
N SER B 89 6.83 25.70 -6.69
CA SER B 89 8.10 26.42 -7.03
C SER B 89 8.33 26.40 -8.55
N PHE B 90 8.04 25.30 -9.24
CA PHE B 90 8.48 25.08 -10.65
C PHE B 90 7.30 25.15 -11.62
N THR B 91 6.08 25.41 -11.11
CA THR B 91 4.81 25.33 -11.86
C THR B 91 4.16 26.73 -11.84
N VAL B 92 3.37 26.99 -10.80
CA VAL B 92 2.77 28.31 -10.46
C VAL B 92 3.84 29.40 -10.53
N GLN B 93 5.01 29.21 -9.89
CA GLN B 93 6.05 30.27 -9.75
C GLN B 93 7.09 30.25 -10.88
N ARG B 94 6.90 29.43 -11.92
CA ARG B 94 7.77 29.35 -13.13
C ARG B 94 7.70 30.70 -13.84
N ARG B 95 8.85 31.32 -14.06
CA ARG B 95 9.01 32.57 -14.84
C ARG B 95 10.16 32.32 -15.83
N VAL B 96 9.91 32.46 -17.13
CA VAL B 96 11.01 32.35 -18.15
C VAL B 96 10.90 33.61 -19.01
N GLU B 97 11.97 34.41 -19.05
CA GLU B 97 12.03 35.69 -19.79
C GLU B 97 11.81 35.39 -21.27
N PRO B 98 10.92 36.12 -21.98
CA PRO B 98 10.91 36.15 -23.44
C PRO B 98 12.19 36.66 -24.11
N LYS B 99 12.57 36.03 -25.23
CA LYS B 99 13.44 36.63 -26.29
C LYS B 99 12.54 37.55 -27.12
N VAL B 100 12.92 38.82 -27.27
CA VAL B 100 12.16 39.80 -28.10
C VAL B 100 13.08 40.33 -29.19
N THR B 101 12.69 40.17 -30.45
CA THR B 101 13.40 40.75 -31.63
C THR B 101 12.40 41.59 -32.43
N VAL B 102 12.86 42.70 -33.04
CA VAL B 102 12.05 43.50 -34.00
C VAL B 102 12.92 43.86 -35.22
N TYR B 103 12.32 43.63 -36.39
CA TYR B 103 12.93 43.72 -37.74
C TYR B 103 11.82 44.16 -38.69
N PRO B 104 12.12 44.84 -39.81
CA PRO B 104 11.12 45.07 -40.85
C PRO B 104 10.89 43.77 -41.65
N SER B 105 9.66 43.53 -42.13
CA SER B 105 9.29 42.41 -43.04
C SER B 105 9.83 42.67 -44.46
N LYS B 106 10.11 43.93 -44.81
CA LYS B 106 10.83 44.30 -46.06
C LYS B 106 11.81 45.44 -45.77
N THR B 107 13.04 45.30 -46.25
CA THR B 107 14.03 46.39 -46.40
C THR B 107 13.54 47.28 -47.55
N GLN B 108 13.19 48.54 -47.25
CA GLN B 108 12.65 49.49 -48.26
C GLN B 108 12.95 50.93 -47.83
N PRO B 109 12.94 51.90 -48.76
CA PRO B 109 13.29 53.28 -48.42
C PRO B 109 12.29 53.90 -47.43
N LEU B 110 12.68 55.02 -46.81
CA LEU B 110 11.79 55.86 -45.96
C LEU B 110 10.55 56.31 -46.77
N GLN B 111 9.43 56.56 -46.07
CA GLN B 111 8.16 57.13 -46.61
C GLN B 111 7.25 56.07 -47.25
N HIS B 112 7.53 54.75 -47.11
CA HIS B 112 6.83 53.63 -47.81
C HIS B 112 6.08 52.75 -46.79
N HIS B 113 4.95 52.14 -47.18
CA HIS B 113 4.09 51.27 -46.31
C HIS B 113 4.88 49.99 -45.97
N ASN B 114 5.15 49.75 -44.68
CA ASN B 114 5.98 48.64 -44.17
C ASN B 114 5.21 47.86 -43.09
N LEU B 115 5.64 46.62 -42.83
CA LEU B 115 5.17 45.78 -41.70
C LEU B 115 6.35 45.54 -40.74
N LEU B 116 6.34 46.16 -39.54
CA LEU B 116 7.40 45.96 -38.52
C LEU B 116 6.96 44.82 -37.60
N VAL B 117 7.85 43.87 -37.33
CA VAL B 117 7.48 42.60 -36.64
C VAL B 117 8.11 42.63 -35.25
N CYS B 118 7.31 42.26 -34.25
CA CYS B 118 7.76 42.03 -32.85
C CYS B 118 7.44 40.60 -32.43
N SER B 119 8.42 39.70 -32.63
CA SER B 119 8.39 38.30 -32.18
C SER B 119 8.86 38.24 -30.72
N VAL B 120 8.07 37.56 -29.89
CA VAL B 120 8.28 37.37 -28.45
C VAL B 120 8.14 35.85 -28.21
N SER B 121 9.21 35.15 -27.82
CA SER B 121 9.19 33.66 -27.71
C SER B 121 10.03 33.15 -26.52
N GLY B 122 9.78 31.91 -26.09
CA GLY B 122 10.53 31.23 -25.02
C GLY B 122 9.96 31.54 -23.65
N PHE B 123 8.82 32.24 -23.58
CA PHE B 123 8.30 32.83 -22.32
C PHE B 123 7.29 31.92 -21.62
N TYR B 124 7.25 32.08 -20.29
CA TYR B 124 6.32 31.41 -19.34
C TYR B 124 6.23 32.26 -18.08
N PRO B 125 5.02 32.51 -17.51
CA PRO B 125 3.76 31.97 -18.03
C PRO B 125 3.24 32.67 -19.31
N GLY B 126 1.97 32.40 -19.66
CA GLY B 126 1.29 32.84 -20.88
C GLY B 126 0.88 34.31 -20.85
N SER B 127 0.55 34.83 -19.67
CA SER B 127 0.12 36.24 -19.42
C SER B 127 1.19 37.20 -19.96
N ILE B 128 0.82 38.08 -20.89
CA ILE B 128 1.80 39.06 -21.45
C ILE B 128 1.05 40.14 -22.25
N GLU B 129 1.60 41.36 -22.23
CA GLU B 129 1.17 42.53 -23.04
C GLU B 129 2.37 42.98 -23.89
N VAL B 130 2.21 42.98 -25.23
CA VAL B 130 3.12 43.66 -26.20
C VAL B 130 2.39 44.92 -26.72
N ARG B 131 3.01 46.10 -26.60
CA ARG B 131 2.43 47.41 -27.01
C ARG B 131 3.40 48.13 -27.97
N TRP B 132 2.91 48.74 -29.04
CA TRP B 132 3.74 49.33 -30.14
C TRP B 132 3.86 50.84 -29.96
N PHE B 133 5.10 51.38 -29.91
CA PHE B 133 5.40 52.83 -29.73
C PHE B 133 6.06 53.44 -30.97
N ARG B 134 5.53 54.59 -31.42
CA ARG B 134 6.12 55.48 -32.47
C ARG B 134 6.61 56.78 -31.82
N ASN B 135 7.94 56.93 -31.70
CA ASN B 135 8.65 58.13 -31.17
C ASN B 135 8.25 58.46 -29.72
N GLY B 136 7.67 57.51 -28.97
CA GLY B 136 7.20 57.73 -27.59
C GLY B 136 5.71 57.49 -27.41
N GLN B 137 4.90 57.61 -28.46
CA GLN B 137 3.42 57.50 -28.41
C GLN B 137 3.01 56.07 -28.81
N GLU B 138 2.06 55.45 -28.10
CA GLU B 138 1.51 54.11 -28.43
C GLU B 138 0.48 54.30 -29.56
N GLU B 139 0.12 53.22 -30.26
CA GLU B 139 -0.95 53.19 -31.28
C GLU B 139 -1.64 51.82 -31.26
N LYS B 140 -2.96 51.78 -31.51
CA LYS B 140 -3.82 50.57 -31.43
C LYS B 140 -4.39 50.17 -32.80
N ALA B 141 -4.35 51.05 -33.82
CA ALA B 141 -5.09 50.91 -35.10
C ALA B 141 -4.57 49.71 -35.93
N GLY B 142 -3.29 49.72 -36.31
CA GLY B 142 -2.69 48.76 -37.27
C GLY B 142 -1.96 47.60 -36.61
N VAL B 143 -2.32 47.26 -35.36
CA VAL B 143 -1.68 46.16 -34.56
C VAL B 143 -2.42 44.84 -34.83
N VAL B 144 -1.71 43.87 -35.46
CA VAL B 144 -2.21 42.50 -35.78
C VAL B 144 -1.31 41.52 -35.01
N SER B 145 -1.88 40.47 -34.41
CA SER B 145 -1.14 39.46 -33.60
C SER B 145 -1.62 38.03 -33.89
N THR B 146 -0.68 37.08 -33.86
CA THR B 146 -0.90 35.62 -34.03
C THR B 146 -1.49 35.01 -32.75
N GLY B 147 -1.76 35.83 -31.73
CA GLY B 147 -2.27 35.37 -30.43
C GLY B 147 -1.24 34.50 -29.71
N LEU B 148 -1.65 33.85 -28.62
CA LEU B 148 -0.75 33.06 -27.75
C LEU B 148 -0.59 31.64 -28.31
N ILE B 149 0.64 31.21 -28.61
CA ILE B 149 0.97 29.86 -29.16
C ILE B 149 1.63 29.03 -28.06
N GLN B 150 1.03 27.89 -27.69
CA GLN B 150 1.60 26.91 -26.72
C GLN B 150 2.56 25.97 -27.48
N ASN B 151 3.85 25.91 -27.09
CA ASN B 151 4.90 25.10 -27.78
C ASN B 151 4.94 23.65 -27.27
N GLY B 152 4.15 23.30 -26.24
CA GLY B 152 4.04 21.93 -25.69
C GLY B 152 5.18 21.64 -24.72
N ASP B 153 5.88 22.73 -24.42
CA ASP B 153 7.34 22.87 -24.14
C ASP B 153 7.55 23.47 -22.75
N TRP B 154 6.45 23.92 -22.13
CA TRP B 154 6.40 24.96 -21.07
C TRP B 154 6.94 26.32 -21.58
N THR B 155 6.78 26.64 -22.88
CA THR B 155 7.09 27.98 -23.44
C THR B 155 5.98 28.37 -24.42
N PHE B 156 5.83 29.68 -24.61
CA PHE B 156 4.82 30.26 -25.52
C PHE B 156 5.58 31.07 -26.54
N GLN B 157 4.98 31.35 -27.70
CA GLN B 157 5.53 32.33 -28.66
C GLN B 157 4.35 33.17 -29.15
N THR B 158 4.67 34.36 -29.68
CA THR B 158 3.70 35.31 -30.27
C THR B 158 4.46 36.20 -31.24
N LEU B 159 3.78 36.56 -32.32
CA LEU B 159 4.15 37.71 -33.17
C LEU B 159 3.12 38.81 -32.89
N VAL B 160 3.58 40.05 -32.82
CA VAL B 160 2.69 41.22 -33.08
C VAL B 160 3.39 42.07 -34.15
N MET B 161 2.74 42.15 -35.31
CA MET B 161 3.15 42.97 -36.49
C MET B 161 2.49 44.36 -36.36
N LEU B 162 3.13 45.39 -36.91
CA LEU B 162 2.59 46.78 -36.98
C LEU B 162 2.67 47.29 -38.43
N GLU B 163 1.51 47.52 -39.06
CA GLU B 163 1.38 48.27 -40.34
C GLU B 163 1.80 49.72 -40.09
N THR B 164 2.79 50.25 -40.84
CA THR B 164 3.36 51.61 -40.56
C THR B 164 4.14 52.16 -41.78
N VAL B 165 4.16 53.48 -41.91
CA VAL B 165 4.95 54.28 -42.91
C VAL B 165 6.16 54.88 -42.21
N PRO B 166 7.38 54.26 -42.27
CA PRO B 166 8.56 54.82 -41.62
C PRO B 166 9.07 56.14 -42.25
N ARG B 167 9.44 57.09 -41.40
CA ARG B 167 9.83 58.47 -41.81
C ARG B 167 11.16 58.77 -41.15
N SER B 168 11.93 59.63 -41.80
CA SER B 168 13.24 60.16 -41.35
C SER B 168 13.17 60.44 -39.85
N GLY B 169 14.02 59.76 -39.07
CA GLY B 169 14.28 60.07 -37.66
C GLY B 169 13.34 59.33 -36.72
N GLU B 170 12.39 58.56 -37.26
CA GLU B 170 11.35 57.81 -36.49
C GLU B 170 12.04 56.63 -35.77
N VAL B 171 11.79 56.49 -34.47
CA VAL B 171 12.26 55.33 -33.66
C VAL B 171 11.01 54.53 -33.30
N TYR B 172 10.99 53.23 -33.56
CA TYR B 172 9.86 52.32 -33.23
C TYR B 172 10.34 51.43 -32.07
N THR B 173 9.58 51.36 -30.98
CA THR B 173 9.88 50.51 -29.79
C THR B 173 8.76 49.47 -29.62
N CYS B 174 9.13 48.19 -29.55
CA CYS B 174 8.26 47.09 -29.02
C CYS B 174 8.41 47.04 -27.50
N GLN B 175 7.30 47.18 -26.78
CA GLN B 175 7.16 47.19 -25.30
C GLN B 175 6.47 45.90 -24.85
N VAL B 176 7.19 45.06 -24.11
CA VAL B 176 6.69 43.75 -23.58
C VAL B 176 6.61 43.82 -22.06
N GLU B 177 5.40 43.66 -21.49
CA GLU B 177 5.17 43.46 -20.04
C GLU B 177 4.89 41.97 -19.83
N HIS B 178 5.73 41.30 -19.01
CA HIS B 178 5.60 39.87 -18.64
C HIS B 178 5.92 39.72 -17.15
N PRO B 179 5.25 38.81 -16.39
CA PRO B 179 5.57 38.63 -14.98
C PRO B 179 7.05 38.39 -14.60
N SER B 180 7.91 38.01 -15.55
CA SER B 180 9.35 37.70 -15.31
C SER B 180 10.18 38.98 -15.18
N VAL B 181 9.60 40.14 -15.51
CA VAL B 181 10.37 41.41 -15.64
C VAL B 181 9.93 42.36 -14.53
N THR B 182 10.91 42.92 -13.81
CA THR B 182 10.76 44.01 -12.81
C THR B 182 10.17 45.26 -13.50
N SER B 183 10.30 45.39 -14.83
CA SER B 183 9.64 46.47 -15.62
C SER B 183 9.75 46.16 -17.12
N PRO B 184 8.79 46.62 -17.96
CA PRO B 184 8.67 46.15 -19.34
C PRO B 184 10.01 46.09 -20.10
N LEU B 185 10.13 45.15 -21.03
CA LEU B 185 11.28 45.07 -21.97
C LEU B 185 10.97 46.02 -23.12
N THR B 186 12.00 46.59 -23.76
CA THR B 186 11.88 47.51 -24.94
C THR B 186 13.02 47.23 -25.93
N VAL B 187 12.66 47.03 -27.21
CA VAL B 187 13.63 46.84 -28.34
C VAL B 187 13.23 47.84 -29.42
N GLU B 188 14.20 48.55 -29.98
CA GLU B 188 13.94 49.65 -30.94
C GLU B 188 14.41 49.28 -32.36
N TRP B 189 13.90 50.03 -33.34
CA TRP B 189 14.28 49.97 -34.76
C TRP B 189 14.28 51.41 -35.29
N ARG B 190 15.40 51.88 -35.87
CA ARG B 190 15.66 53.29 -36.27
C ARG B 190 16.02 53.36 -37.75
N PRO C 1 9.54 16.21 -1.77
CA PRO C 1 8.08 16.44 -1.85
C PRO C 1 7.45 15.50 -2.91
N LYS C 2 6.34 14.88 -2.57
CA LYS C 2 5.86 13.71 -3.34
C LYS C 2 4.45 14.00 -3.84
N TYR C 3 4.26 13.93 -5.14
CA TYR C 3 2.91 13.94 -5.76
C TYR C 3 2.19 12.69 -5.27
N VAL C 4 0.89 12.77 -5.08
CA VAL C 4 0.07 11.57 -4.78
C VAL C 4 -0.94 11.41 -5.91
N LYS C 5 -1.17 10.19 -6.35
CA LYS C 5 -2.27 9.92 -7.31
C LYS C 5 -3.56 9.83 -6.48
N GLN C 6 -4.72 9.99 -7.08
CA GLN C 6 -5.99 9.47 -6.52
C GLN C 6 -6.29 8.09 -7.16
N ASN C 7 -6.81 7.14 -6.39
CA ASN C 7 -7.05 5.77 -6.89
C ASN C 7 -8.26 5.74 -7.84
N THR C 8 -8.14 5.04 -8.96
CA THR C 8 -9.35 4.71 -9.74
C THR C 8 -10.15 3.64 -9.01
N LEU C 9 -11.47 3.76 -9.03
CA LEU C 9 -12.35 2.76 -8.36
C LEU C 9 -12.83 1.74 -9.39
N LYS C 10 -13.18 0.52 -8.95
CA LYS C 10 -13.75 -0.50 -9.83
C LYS C 10 -15.25 -0.21 -10.04
N LEU C 11 -15.71 -0.26 -11.29
CA LEU C 11 -17.16 -0.11 -11.64
C LEU C 11 -17.93 -1.26 -11.00
N ALA C 12 -19.23 -1.06 -10.83
CA ALA C 12 -20.20 -2.06 -10.30
C ALA C 12 -20.27 -3.24 -11.28
N THR C 13 -20.39 -4.45 -10.76
CA THR C 13 -20.40 -5.73 -11.53
C THR C 13 -21.47 -6.66 -10.94
N ALA D 1 11.10 8.27 3.64
CA ALA D 1 11.18 7.23 4.72
C ALA D 1 9.88 7.19 5.53
N GLN D 2 8.86 6.47 5.03
CA GLN D 2 7.57 6.26 5.76
C GLN D 2 7.89 5.29 6.91
N SER D 3 7.58 5.69 8.12
CA SER D 3 7.82 4.82 9.29
C SER D 3 6.69 5.05 10.29
N VAL D 4 6.56 4.09 11.16
CA VAL D 4 5.66 4.19 12.31
C VAL D 4 6.43 3.57 13.47
N THR D 5 6.31 4.17 14.63
CA THR D 5 7.04 3.79 15.85
C THR D 5 5.99 3.47 16.90
N GLN D 6 6.00 2.24 17.39
CA GLN D 6 5.23 1.86 18.59
C GLN D 6 6.19 1.76 19.78
N LEU D 7 5.77 2.16 20.96
CA LEU D 7 6.58 2.12 22.21
C LEU D 7 6.21 0.86 22.99
N GLY D 8 7.18 -0.01 23.26
CA GLY D 8 7.03 -1.18 24.15
C GLY D 8 6.56 -2.40 23.38
N SER D 9 7.37 -3.46 23.31
CA SER D 9 6.96 -4.75 22.71
C SER D 9 5.85 -5.40 23.54
N HIS D 10 6.00 -5.35 24.87
CA HIS D 10 5.08 -5.96 25.85
C HIS D 10 4.61 -4.88 26.81
N VAL D 11 3.29 -4.66 26.88
CA VAL D 11 2.76 -3.71 27.86
C VAL D 11 1.62 -4.36 28.64
N SER D 12 1.39 -3.85 29.84
CA SER D 12 0.39 -4.33 30.80
C SER D 12 -0.67 -3.25 31.00
N VAL D 13 -1.86 -3.70 31.31
CA VAL D 13 -2.98 -2.86 31.77
C VAL D 13 -3.76 -3.69 32.79
N SER D 14 -4.31 -3.03 33.80
CA SER D 14 -5.24 -3.68 34.76
C SER D 14 -6.57 -3.95 34.09
N GLU D 15 -7.18 -5.10 34.38
CA GLU D 15 -8.52 -5.43 33.93
C GLU D 15 -9.44 -4.28 34.40
N GLY D 16 -10.26 -3.78 33.49
CA GLY D 16 -11.26 -2.71 33.74
C GLY D 16 -10.68 -1.32 33.48
N ALA D 17 -9.37 -1.17 33.24
CA ALA D 17 -8.76 0.18 33.20
C ALA D 17 -8.65 0.62 31.75
N LEU D 18 -8.40 1.91 31.54
CA LEU D 18 -8.23 2.49 30.22
C LEU D 18 -7.05 1.82 29.51
N VAL D 19 -7.26 1.46 28.24
CA VAL D 19 -6.27 0.95 27.29
C VAL D 19 -5.75 2.13 26.49
N LEU D 20 -4.44 2.30 26.46
CA LEU D 20 -3.77 3.30 25.59
C LEU D 20 -2.56 2.64 24.92
N LEU D 21 -2.55 2.49 23.59
CA LEU D 21 -1.37 1.98 22.87
C LEU D 21 -0.86 3.08 21.98
N ARG D 22 0.44 3.36 22.03
N ARG D 22 0.44 3.36 22.02
CA ARG D 22 1.03 4.56 21.40
CA ARG D 22 1.02 4.61 21.45
C ARG D 22 1.53 4.21 20.01
C ARG D 22 1.66 4.31 20.09
N CYS D 23 1.43 5.18 19.10
CA CYS D 23 1.99 5.07 17.75
C CYS D 23 2.32 6.49 17.30
N ASN D 24 3.55 6.72 16.86
CA ASN D 24 3.96 7.98 16.18
C ASN D 24 4.36 7.64 14.77
N TYR D 25 4.15 8.55 13.82
CA TYR D 25 4.36 8.23 12.40
C TYR D 25 5.27 9.31 11.82
N SER D 26 5.89 8.97 10.71
CA SER D 26 6.74 9.86 9.89
C SER D 26 6.30 9.70 8.43
N SER D 27 5.87 10.81 7.82
CA SER D 27 5.35 10.86 6.42
C SER D 27 5.60 12.25 5.85
N SER D 28 6.05 12.36 4.59
CA SER D 28 6.12 13.63 3.81
C SER D 28 4.71 14.03 3.32
N VAL D 29 3.78 13.07 3.33
CA VAL D 29 2.44 13.10 2.68
C VAL D 29 1.36 12.91 3.75
N PRO D 30 0.15 13.54 3.66
CA PRO D 30 -0.94 13.23 4.56
C PRO D 30 -1.22 11.73 4.44
N PRO D 31 -1.11 10.95 5.54
CA PRO D 31 -1.08 9.51 5.44
C PRO D 31 -2.46 8.82 5.59
N TYR D 32 -2.51 7.54 5.13
CA TYR D 32 -3.46 6.56 5.69
C TYR D 32 -2.77 5.98 6.93
N LEU D 33 -3.53 5.79 8.01
CA LEU D 33 -3.04 5.14 9.25
C LEU D 33 -4.04 4.08 9.61
N PHE D 34 -3.56 3.04 10.27
CA PHE D 34 -4.35 1.83 10.54
C PHE D 34 -3.91 1.29 11.89
N TRP D 35 -4.80 0.64 12.56
CA TRP D 35 -4.49 -0.26 13.67
C TRP D 35 -5.08 -1.62 13.30
N TYR D 36 -4.30 -2.66 13.50
CA TYR D 36 -4.70 -4.04 13.29
C TYR D 36 -4.52 -4.75 14.62
N VAL D 37 -5.33 -5.75 14.87
CA VAL D 37 -5.14 -6.70 15.99
C VAL D 37 -4.94 -8.12 15.43
N GLN D 38 -4.06 -8.88 16.06
CA GLN D 38 -3.85 -10.34 15.88
C GLN D 38 -4.14 -11.06 17.18
N TYR D 39 -5.33 -11.65 17.26
CA TYR D 39 -5.82 -12.43 18.42
C TYR D 39 -5.05 -13.74 18.38
N PRO D 40 -4.84 -14.39 19.55
CA PRO D 40 -3.95 -15.53 19.66
C PRO D 40 -4.40 -16.67 18.70
N ASN D 41 -3.43 -17.21 17.94
CA ASN D 41 -3.60 -18.34 16.99
C ASN D 41 -4.61 -17.95 15.90
N GLN D 42 -4.51 -16.73 15.37
CA GLN D 42 -5.37 -16.26 14.25
C GLN D 42 -4.64 -15.22 13.39
N GLY D 43 -5.35 -14.63 12.44
CA GLY D 43 -4.74 -13.72 11.46
C GLY D 43 -4.90 -12.25 11.90
N LEU D 44 -4.89 -11.34 10.95
CA LEU D 44 -4.86 -9.89 11.18
C LEU D 44 -6.24 -9.32 10.91
N GLN D 45 -6.75 -8.48 11.80
CA GLN D 45 -8.11 -7.90 11.70
C GLN D 45 -7.98 -6.38 11.81
N LEU D 46 -8.51 -5.64 10.83
CA LEU D 46 -8.49 -4.17 10.88
C LEU D 46 -9.35 -3.69 12.06
N LEU D 47 -8.85 -2.81 12.92
CA LEU D 47 -9.69 -2.19 14.00
C LEU D 47 -10.20 -0.84 13.52
N LEU D 48 -9.30 -0.04 12.97
CA LEU D 48 -9.71 1.27 12.43
C LEU D 48 -8.65 1.88 11.50
N LYS D 49 -9.10 2.92 10.80
CA LYS D 49 -8.41 3.44 9.63
C LYS D 49 -8.62 4.93 9.59
N TYR D 50 -7.54 5.69 9.53
CA TYR D 50 -7.55 7.15 9.29
C TYR D 50 -7.39 7.43 7.78
N THR D 51 -8.27 8.28 7.23
CA THR D 51 -8.40 8.58 5.78
C THR D 51 -8.41 10.10 5.54
N SER D 52 -8.19 10.89 6.60
CA SER D 52 -8.25 12.37 6.66
C SER D 52 -9.71 12.85 6.72
N ALA D 53 -10.67 11.92 6.76
CA ALA D 53 -12.12 12.23 6.82
C ALA D 53 -12.39 12.92 8.15
N ALA D 54 -11.81 12.42 9.23
CA ALA D 54 -12.06 12.92 10.59
C ALA D 54 -10.86 12.59 11.48
N THR D 55 -10.53 13.47 12.42
CA THR D 55 -9.37 13.28 13.33
C THR D 55 -9.70 12.25 14.41
N LEU D 56 -10.97 12.09 14.79
CA LEU D 56 -11.37 11.02 15.75
C LEU D 56 -11.90 9.86 14.93
N VAL D 57 -11.19 8.75 14.90
CA VAL D 57 -11.59 7.52 14.18
C VAL D 57 -12.16 6.51 15.17
N LYS D 58 -13.31 5.94 14.83
CA LYS D 58 -14.02 4.97 15.69
C LYS D 58 -14.00 3.60 15.05
N GLY D 59 -13.86 2.55 15.86
CA GLY D 59 -13.80 1.17 15.38
C GLY D 59 -14.69 0.25 16.17
N ILE D 60 -14.55 -1.04 15.92
CA ILE D 60 -15.28 -2.16 16.59
C ILE D 60 -14.83 -2.20 18.07
N ASN D 61 -15.78 -2.37 19.01
CA ASN D 61 -15.58 -2.74 20.44
C ASN D 61 -15.15 -1.57 21.32
N GLY D 62 -15.46 -0.35 20.95
CA GLY D 62 -15.06 0.81 21.76
C GLY D 62 -13.68 1.31 21.43
N PHE D 63 -12.94 0.69 20.49
CA PHE D 63 -11.67 1.27 20.07
C PHE D 63 -11.92 2.58 19.39
N GLU D 64 -11.00 3.48 19.62
CA GLU D 64 -10.93 4.79 18.94
C GLU D 64 -9.49 5.22 18.86
N ALA D 65 -9.20 6.15 17.97
CA ALA D 65 -7.85 6.71 17.86
C ALA D 65 -8.01 8.12 17.37
N GLU D 66 -7.18 9.03 17.88
CA GLU D 66 -7.20 10.45 17.50
C GLU D 66 -5.93 10.76 16.72
N PHE D 67 -6.07 11.29 15.51
CA PHE D 67 -4.93 11.77 14.71
C PHE D 67 -4.54 13.14 15.30
N LYS D 68 -3.30 13.32 15.77
CA LYS D 68 -2.77 14.65 16.18
C LYS D 68 -1.56 14.98 15.30
N LYS D 69 -1.76 15.75 14.24
CA LYS D 69 -0.73 16.14 13.26
C LYS D 69 0.47 16.75 14.00
N SER D 70 0.21 17.63 14.96
CA SER D 70 1.21 18.48 15.65
C SER D 70 2.17 17.64 16.51
N GLU D 71 1.77 16.46 16.94
CA GLU D 71 2.71 15.54 17.62
C GLU D 71 2.85 14.25 16.81
N THR D 72 2.56 14.28 15.50
CA THR D 72 2.42 13.11 14.56
C THR D 72 2.07 11.82 15.32
N SER D 73 0.93 11.80 15.99
CA SER D 73 0.53 10.64 16.81
C SER D 73 -0.79 10.06 16.31
N PHE D 74 -1.04 8.82 16.64
CA PHE D 74 -2.31 8.11 16.35
C PHE D 74 -2.48 7.01 17.38
N HIS D 75 -2.63 7.42 18.62
CA HIS D 75 -2.75 6.49 19.78
C HIS D 75 -4.11 5.80 19.78
N LEU D 76 -4.11 4.49 19.96
CA LEU D 76 -5.32 3.67 20.08
C LEU D 76 -5.77 3.69 21.54
N THR D 77 -7.07 3.84 21.76
CA THR D 77 -7.66 3.75 23.11
C THR D 77 -8.90 2.89 23.10
N LYS D 78 -9.20 2.36 24.27
CA LYS D 78 -10.41 1.59 24.55
C LYS D 78 -10.73 1.90 26.00
N PRO D 79 -11.99 2.17 26.36
CA PRO D 79 -12.32 2.64 27.70
C PRO D 79 -12.01 1.65 28.83
N SER D 80 -12.08 0.34 28.61
CA SER D 80 -12.02 -0.67 29.70
C SER D 80 -11.32 -1.94 29.19
N ALA D 81 -10.23 -2.38 29.80
CA ALA D 81 -9.52 -3.59 29.32
C ALA D 81 -10.26 -4.84 29.75
N HIS D 82 -10.58 -5.72 28.83
CA HIS D 82 -11.16 -7.07 29.12
C HIS D 82 -10.05 -8.11 28.91
N MET D 83 -10.16 -9.30 29.54
CA MET D 83 -9.19 -10.41 29.31
C MET D 83 -9.08 -10.70 27.81
N SER D 84 -10.19 -10.58 27.07
CA SER D 84 -10.28 -10.91 25.62
C SER D 84 -9.57 -9.85 24.79
N ASP D 85 -9.11 -8.74 25.37
CA ASP D 85 -8.26 -7.74 24.67
C ASP D 85 -6.79 -8.20 24.60
N ALA D 86 -6.38 -9.32 25.23
CA ALA D 86 -4.98 -9.82 25.18
C ALA D 86 -4.67 -10.20 23.73
N ALA D 87 -3.70 -9.55 23.10
CA ALA D 87 -3.46 -9.69 21.66
C ALA D 87 -2.25 -8.88 21.30
N GLU D 88 -1.81 -9.01 20.05
CA GLU D 88 -0.78 -8.11 19.50
C GLU D 88 -1.45 -7.07 18.64
N TYR D 89 -1.01 -5.82 18.78
CA TYR D 89 -1.61 -4.65 18.10
C TYR D 89 -0.52 -4.02 17.27
N PHE D 90 -0.88 -3.68 16.03
CA PHE D 90 0.07 -3.14 15.07
C PHE D 90 -0.50 -1.84 14.50
N CYS D 91 0.30 -0.80 14.52
N CYS D 91 0.29 -0.78 14.51
CA CYS D 91 -0.02 0.47 13.85
CA CYS D 91 -0.11 0.46 13.81
C CYS D 91 0.60 0.37 12.45
C CYS D 91 0.69 0.53 12.51
N ALA D 92 0.10 1.15 11.49
CA ALA D 92 0.55 1.02 10.09
C ALA D 92 0.24 2.30 9.35
N VAL D 93 1.09 2.60 8.39
CA VAL D 93 1.02 3.85 7.63
C VAL D 93 1.12 3.49 6.14
N SER D 94 0.50 4.32 5.30
CA SER D 94 0.76 4.35 3.85
C SER D 94 0.88 5.80 3.47
N GLU D 95 2.01 6.16 2.86
CA GLU D 95 2.17 7.51 2.25
C GLU D 95 1.40 7.57 0.94
N GLN D 96 0.13 7.17 0.94
CA GLN D 96 -0.72 7.17 -0.29
C GLN D 96 0.02 6.47 -1.44
N ASP D 97 0.66 5.32 -1.18
CA ASP D 97 1.46 4.58 -2.20
C ASP D 97 0.97 3.14 -2.33
N ASP D 98 -0.23 2.84 -1.83
CA ASP D 98 -0.92 1.54 -2.06
C ASP D 98 -0.06 0.39 -1.51
N LYS D 99 0.68 0.68 -0.45
CA LYS D 99 1.26 -0.39 0.41
C LYS D 99 1.31 0.07 1.86
N ILE D 100 0.98 -0.86 2.74
CA ILE D 100 0.97 -0.61 4.21
C ILE D 100 2.30 -1.08 4.80
N ILE D 101 3.00 -0.14 5.46
CA ILE D 101 4.19 -0.36 6.30
C ILE D 101 3.78 -0.46 7.78
N PHE D 102 4.16 -1.55 8.40
CA PHE D 102 3.73 -1.90 9.77
C PHE D 102 4.79 -1.47 10.80
N GLY D 103 4.28 -1.12 11.98
CA GLY D 103 5.15 -0.92 13.17
C GLY D 103 5.55 -2.27 13.72
N LYS D 104 6.34 -2.32 14.78
CA LYS D 104 6.93 -3.61 15.23
C LYS D 104 5.92 -4.38 16.06
N GLY D 105 4.84 -3.73 16.48
CA GLY D 105 3.78 -4.43 17.21
C GLY D 105 4.00 -4.33 18.73
N THR D 106 2.90 -4.27 19.49
CA THR D 106 2.85 -4.25 20.96
C THR D 106 1.90 -5.37 21.38
N ARG D 107 2.31 -6.26 22.27
CA ARG D 107 1.42 -7.25 22.84
C ARG D 107 0.86 -6.63 24.12
N LEU D 108 -0.43 -6.72 24.30
CA LEU D 108 -1.13 -6.16 25.47
C LEU D 108 -1.38 -7.32 26.41
N HIS D 109 -0.89 -7.24 27.64
CA HIS D 109 -1.15 -8.24 28.70
C HIS D 109 -2.15 -7.63 29.69
N ILE D 110 -3.23 -8.32 30.00
CA ILE D 110 -4.28 -7.88 30.94
C ILE D 110 -4.01 -8.50 32.30
N LEU D 111 -3.82 -7.69 33.33
CA LEU D 111 -3.64 -8.21 34.71
C LEU D 111 -5.01 -8.43 35.33
N PRO D 112 -5.40 -9.67 35.67
CA PRO D 112 -6.72 -9.93 36.21
C PRO D 112 -6.85 -9.33 37.63
N ASN D 113 -8.05 -8.88 37.96
CA ASN D 113 -8.41 -8.39 39.31
C ASN D 113 -8.55 -9.64 40.19
N ILE D 114 -7.55 -9.96 40.98
CA ILE D 114 -7.58 -11.15 41.86
C ILE D 114 -7.99 -10.61 43.25
N GLN D 115 -9.27 -10.71 43.59
CA GLN D 115 -9.76 -10.11 44.87
C GLN D 115 -9.32 -11.00 46.06
N ASN D 116 -9.32 -12.33 45.90
CA ASN D 116 -8.98 -13.26 47.02
C ASN D 116 -7.81 -14.15 46.65
N PRO D 117 -6.56 -13.64 46.67
CA PRO D 117 -5.41 -14.46 46.30
C PRO D 117 -5.26 -15.64 47.28
N ASP D 118 -4.75 -16.76 46.80
CA ASP D 118 -4.62 -18.01 47.61
C ASP D 118 -3.38 -18.75 47.15
N PRO D 119 -2.21 -18.09 47.17
CA PRO D 119 -1.03 -18.66 46.53
C PRO D 119 -0.71 -20.00 47.17
N ALA D 120 -0.34 -20.96 46.34
CA ALA D 120 -0.13 -22.36 46.75
C ALA D 120 0.81 -22.99 45.74
N VAL D 121 1.59 -23.95 46.20
CA VAL D 121 2.39 -24.88 45.34
C VAL D 121 1.89 -26.30 45.53
N TYR D 122 1.29 -26.88 44.51
CA TYR D 122 0.74 -28.24 44.51
C TYR D 122 1.65 -29.19 43.71
N GLN D 123 1.65 -30.44 44.14
CA GLN D 123 2.27 -31.56 43.40
C GLN D 123 1.16 -32.26 42.61
N LEU D 124 1.34 -32.47 41.30
CA LEU D 124 0.39 -33.16 40.44
C LEU D 124 1.07 -34.43 39.93
N ARG D 125 0.45 -35.59 40.13
CA ARG D 125 0.98 -36.89 39.65
C ARG D 125 0.60 -37.11 38.18
N ASP D 126 1.46 -37.72 37.39
CA ASP D 126 1.13 -38.22 36.04
C ASP D 126 -0.07 -39.21 36.09
N SER D 127 -1.04 -39.01 35.20
CA SER D 127 -2.16 -39.93 34.91
C SER D 127 -1.71 -41.39 34.82
N LYS D 128 -0.53 -41.62 34.26
CA LYS D 128 -0.09 -42.96 33.82
C LYS D 128 0.92 -43.56 34.80
N SER D 129 1.36 -42.85 35.84
CA SER D 129 2.54 -43.29 36.64
C SER D 129 2.59 -42.58 38.01
N SER D 130 2.68 -43.32 39.11
CA SER D 130 2.86 -42.77 40.49
C SER D 130 4.26 -42.19 40.64
N ASP D 131 5.17 -42.51 39.71
CA ASP D 131 6.60 -42.09 39.76
C ASP D 131 6.83 -40.70 39.14
N LYS D 132 5.91 -40.16 38.33
CA LYS D 132 6.11 -38.87 37.59
C LYS D 132 5.17 -37.79 38.17
N SER D 133 5.68 -36.56 38.27
CA SER D 133 4.89 -35.38 38.73
C SER D 133 5.50 -34.06 38.24
N VAL D 134 4.74 -33.00 38.42
CA VAL D 134 5.13 -31.58 38.15
C VAL D 134 4.67 -30.78 39.36
N CYS D 135 5.15 -29.55 39.48
CA CYS D 135 4.77 -28.63 40.57
C CYS D 135 4.02 -27.47 39.92
N LEU D 136 2.89 -27.13 40.49
CA LEU D 136 2.03 -26.02 40.02
C LEU D 136 1.99 -24.95 41.11
N PHE D 137 2.51 -23.79 40.79
CA PHE D 137 2.35 -22.58 41.59
C PHE D 137 1.13 -21.85 41.04
N THR D 138 0.14 -21.58 41.88
CA THR D 138 -1.12 -21.00 41.38
C THR D 138 -1.75 -20.10 42.41
N ASP D 139 -2.58 -19.22 41.91
CA ASP D 139 -3.56 -18.43 42.72
C ASP D 139 -2.85 -17.27 43.43
N PHE D 140 -1.72 -16.82 42.90
CA PHE D 140 -0.98 -15.63 43.39
C PHE D 140 -1.52 -14.43 42.62
N ASP D 141 -1.41 -13.23 43.19
CA ASP D 141 -1.88 -11.98 42.56
C ASP D 141 -0.79 -11.43 41.63
N SER D 142 -1.08 -10.26 41.06
CA SER D 142 -0.25 -9.53 40.07
C SER D 142 1.11 -9.05 40.67
N GLN D 143 1.30 -9.08 41.96
CA GLN D 143 2.59 -8.60 42.55
C GLN D 143 3.66 -9.68 42.59
N THR D 144 3.33 -10.91 42.25
CA THR D 144 4.32 -12.01 42.20
C THR D 144 4.69 -12.26 40.73
N ASN D 145 5.98 -12.43 40.49
CA ASN D 145 6.55 -12.85 39.19
C ASN D 145 7.36 -14.12 39.44
N VAL D 146 7.39 -14.99 38.47
CA VAL D 146 8.13 -16.27 38.52
C VAL D 146 9.45 -16.03 37.79
N SER D 147 10.58 -16.38 38.39
CA SER D 147 11.92 -16.25 37.76
C SER D 147 12.28 -17.57 37.08
N GLN D 148 13.19 -17.58 36.12
CA GLN D 148 13.61 -18.89 35.53
C GLN D 148 14.53 -19.60 36.52
N SER D 149 14.62 -20.91 36.40
CA SER D 149 15.47 -21.75 37.26
C SER D 149 16.94 -21.24 37.20
N LYS D 150 17.69 -21.50 38.26
CA LYS D 150 19.17 -21.34 38.31
C LYS D 150 19.82 -22.69 37.89
N ASP D 151 19.01 -23.75 37.77
CA ASP D 151 19.41 -25.18 37.64
C ASP D 151 18.95 -25.68 36.26
N SER D 152 19.89 -25.97 35.37
CA SER D 152 19.62 -26.30 33.94
C SER D 152 18.75 -27.55 33.77
N ASP D 153 18.60 -28.39 34.82
CA ASP D 153 17.75 -29.63 34.82
C ASP D 153 16.40 -29.40 35.50
N VAL D 154 16.10 -28.15 35.88
CA VAL D 154 14.77 -27.73 36.40
C VAL D 154 14.12 -26.76 35.39
N TYR D 155 12.94 -27.08 34.93
CA TYR D 155 12.21 -26.27 33.92
C TYR D 155 11.09 -25.53 34.61
N ILE D 156 10.98 -24.24 34.34
CA ILE D 156 9.94 -23.38 34.93
C ILE D 156 9.35 -22.54 33.83
N THR D 157 8.03 -22.58 33.71
CA THR D 157 7.31 -21.78 32.69
C THR D 157 7.12 -20.36 33.20
N ASP D 158 6.80 -19.45 32.30
CA ASP D 158 6.32 -18.10 32.61
C ASP D 158 4.95 -18.24 33.30
N LYS D 159 4.53 -17.22 34.02
CA LYS D 159 3.15 -17.22 34.58
C LYS D 159 2.17 -17.11 33.41
N CYS D 160 1.05 -17.78 33.53
N CYS D 160 0.98 -17.65 33.59
CA CYS D 160 -0.05 -17.76 32.55
CA CYS D 160 -0.06 -17.90 32.56
C CYS D 160 -1.31 -17.37 33.32
C CYS D 160 -1.44 -17.61 33.19
N VAL D 161 -2.26 -16.71 32.63
CA VAL D 161 -3.63 -16.42 33.17
C VAL D 161 -4.66 -17.34 32.53
N LEU D 162 -5.46 -18.06 33.30
CA LEU D 162 -6.60 -18.78 32.72
C LEU D 162 -7.91 -18.12 33.25
N ASP D 163 -8.96 -18.23 32.46
CA ASP D 163 -10.31 -17.67 32.76
C ASP D 163 -11.31 -18.84 32.78
N MET D 164 -11.67 -19.36 33.94
CA MET D 164 -12.69 -20.41 34.01
C MET D 164 -14.06 -19.75 33.86
N ARG D 165 -14.65 -19.87 32.69
CA ARG D 165 -15.96 -19.26 32.39
C ARG D 165 -17.03 -19.96 33.24
N SER D 166 -16.84 -21.22 33.64
CA SER D 166 -17.90 -21.96 34.40
C SER D 166 -18.18 -21.27 35.76
N MET D 167 -17.20 -20.59 36.33
CA MET D 167 -17.28 -19.99 37.70
C MET D 167 -16.86 -18.52 37.67
N ASP D 168 -16.80 -17.89 36.50
CA ASP D 168 -16.30 -16.51 36.30
C ASP D 168 -15.06 -16.22 37.17
N PHE D 169 -14.00 -16.95 36.98
CA PHE D 169 -12.87 -16.96 37.92
C PHE D 169 -11.56 -16.93 37.12
N LYS D 170 -10.64 -16.05 37.45
CA LYS D 170 -9.33 -15.95 36.74
C LYS D 170 -8.23 -16.28 37.73
N SER D 171 -7.16 -16.95 37.27
CA SER D 171 -6.03 -17.30 38.13
C SER D 171 -4.76 -17.35 37.29
N ASN D 172 -3.69 -17.00 37.96
CA ASN D 172 -2.29 -17.06 37.51
C ASN D 172 -1.76 -18.45 37.81
N SER D 173 -0.84 -18.97 37.00
CA SER D 173 -0.08 -20.20 37.37
C SER D 173 1.22 -20.27 36.61
N ALA D 174 2.17 -21.00 37.19
CA ALA D 174 3.42 -21.41 36.52
C ALA D 174 3.66 -22.88 36.86
N VAL D 175 4.32 -23.59 35.98
CA VAL D 175 4.62 -25.03 36.18
C VAL D 175 6.14 -25.17 36.27
N ALA D 176 6.57 -26.07 37.12
CA ALA D 176 7.97 -26.48 37.20
C ALA D 176 8.02 -27.99 37.16
N TRP D 177 9.05 -28.51 36.51
CA TRP D 177 9.32 -29.96 36.53
C TRP D 177 10.82 -30.22 36.37
N SER D 178 11.19 -31.45 36.68
CA SER D 178 12.59 -31.92 36.62
C SER D 178 12.58 -33.45 36.56
N ASN D 179 13.60 -34.05 35.96
CA ASN D 179 13.87 -35.51 36.09
C ASN D 179 14.79 -35.77 37.30
N LYS D 180 15.38 -34.72 37.88
CA LYS D 180 16.29 -34.84 39.05
C LYS D 180 15.56 -35.52 40.22
N SER D 181 16.25 -36.51 40.83
CA SER D 181 15.80 -37.31 42.01
C SER D 181 15.60 -36.43 43.25
N ASP D 182 16.43 -35.40 43.45
CA ASP D 182 16.35 -34.47 44.62
C ASP D 182 15.41 -33.28 44.36
N PHE D 183 14.48 -33.36 43.41
CA PHE D 183 13.56 -32.24 43.10
C PHE D 183 12.24 -32.44 43.85
N ALA D 184 11.88 -31.45 44.67
CA ALA D 184 10.66 -31.43 45.51
C ALA D 184 9.96 -30.12 45.23
N CYS D 185 8.61 -30.13 45.31
CA CYS D 185 7.76 -28.94 45.12
C CYS D 185 8.09 -27.83 46.15
N ALA D 186 8.53 -28.15 47.37
CA ALA D 186 9.02 -27.15 48.36
C ALA D 186 10.19 -26.31 47.80
N ASN D 187 11.05 -26.85 46.93
CA ASN D 187 12.24 -26.13 46.42
C ASN D 187 12.08 -25.59 45.00
N ALA D 188 11.04 -25.98 44.28
CA ALA D 188 10.91 -25.76 42.82
C ALA D 188 11.01 -24.25 42.49
N PHE D 189 10.37 -23.38 43.29
CA PHE D 189 10.32 -21.92 43.03
C PHE D 189 11.26 -21.14 43.96
N ASN D 190 12.30 -21.77 44.53
CA ASN D 190 13.29 -21.08 45.40
C ASN D 190 13.97 -19.91 44.68
N ASN D 191 14.05 -19.87 43.35
CA ASN D 191 14.67 -18.71 42.68
C ASN D 191 13.63 -17.59 42.51
N SER D 192 12.40 -17.79 42.91
CA SER D 192 11.35 -16.77 42.75
C SER D 192 11.06 -16.15 44.11
N ILE D 193 10.70 -14.87 44.12
CA ILE D 193 10.09 -14.21 45.29
C ILE D 193 8.61 -14.59 45.37
N ILE D 194 8.29 -15.47 46.30
CA ILE D 194 6.89 -15.95 46.46
C ILE D 194 6.25 -15.29 47.71
N PRO D 195 4.92 -15.23 47.76
CA PRO D 195 4.24 -14.62 48.92
C PRO D 195 4.58 -15.37 50.23
N GLU D 196 4.83 -14.65 51.31
CA GLU D 196 5.17 -15.30 52.64
C GLU D 196 4.09 -16.31 53.05
N ASP D 197 2.86 -16.14 52.60
CA ASP D 197 1.69 -16.95 53.00
C ASP D 197 1.46 -18.09 51.98
N THR D 198 2.37 -18.39 51.05
CA THR D 198 2.16 -19.46 50.06
C THR D 198 1.83 -20.77 50.82
N PHE D 199 0.77 -21.46 50.42
CA PHE D 199 0.30 -22.76 51.01
C PHE D 199 1.16 -23.87 50.41
N PHE D 200 1.84 -24.65 51.26
CA PHE D 200 2.63 -25.83 50.84
C PHE D 200 2.01 -27.02 51.54
N PRO D 201 1.07 -27.74 50.91
CA PRO D 201 0.46 -28.92 51.53
C PRO D 201 1.47 -30.05 51.84
N SER D 202 1.17 -30.91 52.82
CA SER D 202 2.00 -32.09 53.21
C SER D 202 2.05 -33.17 52.12
N ALA E 1 -13.89 -17.98 2.56
CA ALA E 1 -12.75 -16.99 2.61
C ALA E 1 -12.40 -16.52 1.19
N ASP E 2 -12.33 -15.18 1.00
CA ASP E 2 -11.82 -14.52 -0.22
C ASP E 2 -10.39 -15.03 -0.48
N VAL E 3 -9.49 -14.82 0.47
CA VAL E 3 -8.03 -15.07 0.28
C VAL E 3 -7.67 -16.37 0.98
N THR E 4 -7.14 -17.35 0.26
CA THR E 4 -6.69 -18.64 0.84
C THR E 4 -5.21 -18.88 0.49
N GLN E 5 -4.43 -19.29 1.49
CA GLN E 5 -3.01 -19.68 1.29
C GLN E 5 -2.86 -21.17 1.49
N THR E 6 -1.94 -21.75 0.75
CA THR E 6 -1.54 -23.17 0.84
C THR E 6 -0.03 -23.19 0.68
N PRO E 7 0.69 -23.99 1.49
CA PRO E 7 0.09 -24.75 2.60
C PRO E 7 -0.17 -23.88 3.82
N ARG E 8 -0.89 -24.41 4.81
CA ARG E 8 -1.09 -23.69 6.09
C ARG E 8 0.14 -23.91 7.00
N ASN E 9 0.84 -25.03 6.86
CA ASN E 9 1.97 -25.38 7.74
C ASN E 9 2.97 -26.14 6.87
N ARG E 10 4.23 -25.73 6.86
CA ARG E 10 5.33 -26.45 6.11
C ARG E 10 6.60 -26.48 6.98
N ILE E 11 7.26 -27.63 7.03
CA ILE E 11 8.66 -27.84 7.50
C ILE E 11 9.47 -28.07 6.21
N THR E 12 10.63 -27.47 6.08
CA THR E 12 11.54 -27.76 4.95
C THR E 12 12.99 -27.76 5.48
N LYS E 13 13.87 -28.51 4.83
CA LYS E 13 15.31 -28.44 5.12
C LYS E 13 15.88 -27.26 4.35
N THR E 14 16.98 -26.73 4.86
CA THR E 14 17.75 -25.63 4.24
C THR E 14 18.20 -26.05 2.84
N GLY E 15 18.37 -25.08 1.94
CA GLY E 15 18.91 -25.35 0.60
C GLY E 15 17.84 -25.79 -0.39
N LYS E 16 16.57 -25.84 0.01
CA LYS E 16 15.46 -26.34 -0.85
C LYS E 16 14.66 -25.13 -1.36
N ARG E 17 14.14 -25.22 -2.58
CA ARG E 17 13.23 -24.23 -3.17
C ARG E 17 11.83 -24.61 -2.70
N ILE E 18 11.09 -23.73 -2.08
CA ILE E 18 9.71 -24.09 -1.68
C ILE E 18 8.78 -22.92 -2.04
N MET E 19 7.54 -23.25 -2.41
CA MET E 19 6.60 -22.27 -2.99
C MET E 19 5.38 -22.17 -2.08
N LEU E 20 4.96 -20.97 -1.76
CA LEU E 20 3.70 -20.69 -1.02
C LEU E 20 2.72 -20.10 -2.05
N GLU E 21 1.46 -20.52 -1.97
CA GLU E 21 0.44 -20.14 -2.96
C GLU E 21 -0.61 -19.31 -2.24
N CYS E 22 -0.92 -18.17 -2.84
CA CYS E 22 -2.07 -17.34 -2.47
C CYS E 22 -3.10 -17.31 -3.62
N SER E 23 -4.39 -17.48 -3.33
CA SER E 23 -5.47 -17.37 -4.33
C SER E 23 -6.61 -16.56 -3.72
N GLN E 24 -7.30 -15.80 -4.55
CA GLN E 24 -8.34 -14.86 -4.09
C GLN E 24 -9.52 -15.02 -5.03
N THR E 25 -10.70 -14.61 -4.60
CA THR E 25 -11.94 -14.75 -5.41
C THR E 25 -12.58 -13.38 -5.61
N LYS E 26 -12.06 -12.29 -5.05
CA LYS E 26 -12.71 -10.95 -5.19
C LYS E 26 -12.11 -10.20 -6.39
N GLY E 27 -11.22 -10.83 -7.15
CA GLY E 27 -10.66 -10.30 -8.41
C GLY E 27 -9.96 -8.97 -8.20
N HIS E 28 -9.22 -8.85 -7.11
CA HIS E 28 -8.47 -7.61 -6.74
C HIS E 28 -7.15 -7.55 -7.51
N ASP E 29 -6.76 -6.37 -7.99
CA ASP E 29 -5.50 -6.20 -8.76
C ASP E 29 -4.27 -6.16 -7.83
N ARG E 30 -4.34 -5.48 -6.68
CA ARG E 30 -3.23 -5.39 -5.66
C ARG E 30 -3.11 -6.69 -4.85
N MET E 31 -1.94 -7.36 -4.92
CA MET E 31 -1.64 -8.46 -3.97
C MET E 31 -0.26 -8.22 -3.34
N TYR E 32 -0.03 -8.79 -2.16
CA TYR E 32 1.17 -8.54 -1.31
C TYR E 32 1.55 -9.83 -0.62
N TRP E 33 2.84 -10.01 -0.37
CA TRP E 33 3.37 -11.03 0.56
C TRP E 33 4.13 -10.30 1.65
N TYR E 34 3.79 -10.62 2.88
CA TYR E 34 4.44 -10.11 4.10
C TYR E 34 4.98 -11.30 4.88
N ARG E 35 6.01 -11.08 5.69
CA ARG E 35 6.38 -12.05 6.73
C ARG E 35 6.32 -11.35 8.06
N GLN E 36 5.90 -12.11 9.05
CA GLN E 36 5.81 -11.65 10.43
C GLN E 36 6.85 -12.43 11.23
N ASP E 37 7.65 -11.70 12.01
CA ASP E 37 8.59 -12.22 13.05
C ASP E 37 8.37 -11.49 14.36
N PRO E 38 8.51 -12.18 15.53
CA PRO E 38 8.58 -11.52 16.85
C PRO E 38 9.41 -10.23 16.88
N GLY E 39 8.80 -9.12 17.28
CA GLY E 39 9.53 -7.87 17.55
C GLY E 39 9.79 -7.06 16.30
N LEU E 40 9.47 -7.56 15.10
CA LEU E 40 9.77 -6.83 13.84
C LEU E 40 8.47 -6.50 13.10
N GLY E 41 7.33 -7.00 13.57
CA GLY E 41 6.05 -6.70 12.91
C GLY E 41 5.95 -7.46 11.61
N LEU E 42 5.17 -6.96 10.66
CA LEU E 42 5.08 -7.52 9.30
C LEU E 42 6.01 -6.71 8.42
N ARG E 43 6.84 -7.39 7.66
CA ARG E 43 7.71 -6.72 6.68
C ARG E 43 7.26 -7.18 5.29
N LEU E 44 7.17 -6.24 4.36
CA LEU E 44 6.74 -6.52 2.99
C LEU E 44 7.89 -7.19 2.22
N ILE E 45 7.61 -8.32 1.58
CA ILE E 45 8.60 -9.07 0.76
C ILE E 45 8.53 -8.59 -0.67
N TYR E 46 7.37 -8.75 -1.30
CA TYR E 46 7.07 -8.38 -2.69
C TYR E 46 5.61 -7.94 -2.79
N TYR E 47 5.32 -7.16 -3.81
CA TYR E 47 3.92 -6.76 -4.09
C TYR E 47 3.77 -6.66 -5.61
N SER E 48 2.52 -6.81 -6.05
CA SER E 48 2.07 -6.91 -7.45
C SER E 48 0.80 -6.09 -7.64
N PHE E 49 0.72 -5.23 -8.64
CA PHE E 49 -0.48 -4.40 -8.92
C PHE E 49 -1.13 -4.82 -10.23
N ASP E 50 -0.61 -5.83 -10.90
CA ASP E 50 -1.23 -6.36 -12.12
C ASP E 50 -0.61 -7.71 -12.46
N VAL E 51 -1.21 -8.41 -13.41
CA VAL E 51 -0.62 -9.63 -14.01
C VAL E 51 0.80 -9.29 -14.54
N LYS E 52 1.76 -10.15 -14.15
CA LYS E 52 3.21 -10.06 -14.48
C LYS E 52 3.84 -8.77 -13.93
N ASP E 53 3.16 -8.01 -13.07
CA ASP E 53 3.82 -6.87 -12.37
C ASP E 53 4.40 -7.37 -11.02
N ILE E 54 5.70 -7.14 -10.80
CA ILE E 54 6.50 -7.57 -9.62
C ILE E 54 7.26 -6.37 -9.07
N ASN E 55 7.16 -6.13 -7.77
CA ASN E 55 7.86 -5.03 -7.06
C ASN E 55 8.48 -5.54 -5.74
N LYS E 56 9.74 -5.17 -5.51
CA LYS E 56 10.48 -5.55 -4.30
C LYS E 56 9.95 -4.79 -3.10
N GLY E 57 9.78 -5.45 -1.95
CA GLY E 57 9.49 -4.75 -0.69
C GLY E 57 10.74 -4.43 0.09
N GLU E 58 10.63 -4.38 1.41
CA GLU E 58 11.69 -4.13 2.42
C GLU E 58 12.73 -5.27 2.34
N ILE E 59 12.29 -6.52 2.31
CA ILE E 59 13.16 -7.73 2.50
C ILE E 59 12.98 -8.74 1.36
N SER E 60 13.28 -8.39 0.12
CA SER E 60 13.03 -9.27 -1.06
C SER E 60 14.13 -10.34 -1.20
N ASP E 61 15.30 -10.13 -0.59
CA ASP E 61 16.49 -11.00 -0.79
C ASP E 61 16.21 -12.42 -0.31
N GLY E 62 16.45 -13.42 -1.16
CA GLY E 62 16.19 -14.84 -0.86
C GLY E 62 14.81 -15.26 -1.32
N TYR E 63 14.04 -14.34 -1.90
CA TYR E 63 12.67 -14.62 -2.36
C TYR E 63 12.48 -14.25 -3.82
N SER E 64 11.57 -14.97 -4.46
CA SER E 64 10.95 -14.57 -5.77
C SER E 64 9.43 -14.80 -5.74
N VAL E 65 8.73 -14.17 -6.67
CA VAL E 65 7.24 -14.28 -6.82
C VAL E 65 6.91 -14.39 -8.29
N SER E 66 5.74 -14.93 -8.59
CA SER E 66 5.11 -14.85 -9.92
C SER E 66 3.64 -14.47 -9.76
N ARG E 67 3.16 -13.72 -10.75
CA ARG E 67 1.77 -13.26 -10.90
C ARG E 67 1.40 -13.59 -12.34
N GLN E 68 1.21 -14.87 -12.64
CA GLN E 68 0.80 -15.33 -13.99
C GLN E 68 -0.68 -14.99 -14.20
N ALA E 69 -1.52 -15.07 -13.16
CA ALA E 69 -2.97 -14.79 -13.25
C ALA E 69 -3.38 -13.77 -12.18
N GLN E 70 -4.50 -13.11 -12.43
CA GLN E 70 -5.02 -12.14 -11.45
C GLN E 70 -5.35 -12.87 -10.13
N ALA E 71 -5.89 -14.08 -10.17
CA ALA E 71 -6.44 -14.79 -8.98
C ALA E 71 -5.33 -15.27 -8.02
N LYS E 72 -4.07 -15.42 -8.48
CA LYS E 72 -2.99 -16.17 -7.78
C LYS E 72 -1.69 -15.34 -7.68
N PHE E 73 -0.99 -15.41 -6.55
CA PHE E 73 0.31 -14.74 -6.34
C PHE E 73 1.19 -15.72 -5.55
N SER E 74 2.27 -16.18 -6.18
CA SER E 74 3.17 -17.27 -5.70
C SER E 74 4.41 -16.65 -5.06
N LEU E 75 4.78 -17.16 -3.90
CA LEU E 75 6.06 -16.79 -3.24
C LEU E 75 6.93 -18.03 -3.21
N SER E 76 8.15 -17.90 -3.67
CA SER E 76 9.20 -18.93 -3.59
C SER E 76 10.35 -18.43 -2.70
N LEU E 77 10.71 -19.27 -1.73
CA LEU E 77 12.06 -19.25 -1.10
C LEU E 77 13.03 -19.91 -2.09
N GLU E 78 13.98 -19.14 -2.62
CA GLU E 78 14.98 -19.57 -3.63
C GLU E 78 15.85 -20.70 -3.07
N SER E 79 16.38 -20.55 -1.86
CA SER E 79 17.26 -21.55 -1.22
C SER E 79 17.14 -21.41 0.28
N ALA E 80 16.20 -22.15 0.87
CA ALA E 80 15.66 -21.84 2.21
C ALA E 80 16.81 -21.86 3.23
N ILE E 81 16.84 -20.84 4.06
CA ILE E 81 17.76 -20.71 5.22
C ILE E 81 16.91 -20.62 6.48
N PRO E 82 17.45 -21.03 7.65
CA PRO E 82 16.70 -21.05 8.89
C PRO E 82 16.04 -19.72 9.28
N ASN E 83 16.65 -18.58 8.95
CA ASN E 83 16.07 -17.28 9.37
C ASN E 83 14.89 -16.92 8.45
N GLN E 84 14.46 -17.80 7.55
CA GLN E 84 13.24 -17.63 6.75
C GLN E 84 12.09 -18.34 7.46
N THR E 85 12.36 -18.96 8.59
CA THR E 85 11.32 -19.44 9.53
C THR E 85 10.46 -18.23 9.95
N ALA E 86 9.16 -18.29 9.64
CA ALA E 86 8.22 -17.18 9.95
C ALA E 86 6.79 -17.57 9.65
N LEU E 87 5.90 -16.64 9.97
CA LEU E 87 4.49 -16.66 9.55
C LEU E 87 4.42 -15.76 8.33
N TYR E 88 3.96 -16.31 7.21
CA TYR E 88 3.85 -15.57 5.93
C TYR E 88 2.38 -15.26 5.67
N PHE E 89 2.09 -14.04 5.28
CA PHE E 89 0.70 -13.58 5.04
C PHE E 89 0.62 -13.01 3.64
N CYS E 90 -0.28 -13.52 2.83
CA CYS E 90 -0.69 -12.95 1.52
C CYS E 90 -1.78 -11.93 1.83
N ALA E 91 -1.85 -10.82 1.09
CA ALA E 91 -2.96 -9.87 1.27
C ALA E 91 -3.40 -9.43 -0.13
N THR E 92 -4.66 -9.06 -0.26
CA THR E 92 -5.17 -8.30 -1.41
C THR E 92 -5.60 -6.93 -0.90
N SER E 93 -5.61 -5.96 -1.78
CA SER E 93 -6.18 -4.63 -1.45
C SER E 93 -7.19 -4.29 -2.53
N ASP E 94 -8.33 -3.68 -2.15
CA ASP E 94 -9.26 -2.98 -3.08
C ASP E 94 -8.61 -1.67 -3.49
N GLU E 95 -9.41 -0.76 -4.04
CA GLU E 95 -8.97 0.53 -4.63
C GLU E 95 -8.98 1.63 -3.57
N SER E 96 -9.31 1.33 -2.31
CA SER E 96 -9.42 2.35 -1.25
C SER E 96 -8.87 1.81 0.06
N TYR E 97 -7.71 1.14 -0.01
CA TYR E 97 -6.84 0.81 1.12
C TYR E 97 -7.57 -0.16 2.04
N GLY E 98 -8.46 -0.98 1.48
CA GLY E 98 -9.14 -2.09 2.17
C GLY E 98 -8.38 -3.39 1.93
N TYR E 99 -7.57 -3.80 2.89
CA TYR E 99 -6.71 -5.01 2.80
C TYR E 99 -7.52 -6.20 3.30
N THR E 100 -7.41 -7.34 2.63
CA THR E 100 -7.83 -8.68 3.13
C THR E 100 -6.58 -9.56 3.26
N PHE E 101 -6.26 -9.99 4.48
CA PHE E 101 -5.10 -10.87 4.79
C PHE E 101 -5.60 -12.32 4.76
N GLY E 102 -4.81 -13.22 4.16
CA GLY E 102 -4.97 -14.68 4.30
C GLY E 102 -4.76 -15.12 5.74
N SER E 103 -5.11 -16.34 6.12
CA SER E 103 -5.02 -16.73 7.55
C SER E 103 -3.56 -17.06 7.93
N GLY E 104 -2.65 -17.17 6.95
CA GLY E 104 -1.20 -17.27 7.19
C GLY E 104 -0.63 -18.63 6.85
N THR E 105 0.66 -18.69 6.57
CA THR E 105 1.42 -19.96 6.37
C THR E 105 2.52 -19.99 7.45
N ARG E 106 2.50 -20.97 8.34
CA ARG E 106 3.59 -21.18 9.31
C ARG E 106 4.67 -22.05 8.61
N LEU E 107 5.82 -21.47 8.28
CA LEU E 107 6.96 -22.13 7.61
C LEU E 107 8.13 -22.24 8.59
N THR E 108 8.63 -23.45 8.82
CA THR E 108 9.84 -23.70 9.64
C THR E 108 10.91 -24.32 8.73
N VAL E 109 12.07 -23.70 8.67
CA VAL E 109 13.23 -24.17 7.88
C VAL E 109 14.22 -24.77 8.86
N VAL E 110 14.54 -26.06 8.76
CA VAL E 110 15.51 -26.71 9.66
C VAL E 110 16.77 -27.03 8.86
N GLU E 111 17.91 -26.92 9.53
CA GLU E 111 19.24 -27.29 8.98
C GLU E 111 19.29 -28.81 8.78
N ASP E 112 18.68 -29.61 9.66
CA ASP E 112 18.82 -31.09 9.58
C ASP E 112 17.48 -31.78 9.88
N LEU E 113 16.86 -32.44 8.90
CA LEU E 113 15.57 -33.14 9.12
C LEU E 113 15.76 -34.31 10.09
N ASN E 114 17.01 -34.78 10.29
CA ASN E 114 17.32 -35.88 11.25
C ASN E 114 16.93 -35.49 12.66
N LYS E 115 16.76 -34.19 12.96
CA LYS E 115 16.53 -33.72 14.35
C LYS E 115 15.03 -33.65 14.62
N VAL E 116 14.19 -33.83 13.60
CA VAL E 116 12.72 -33.74 13.73
C VAL E 116 12.25 -34.88 14.64
N SER E 117 11.41 -34.55 15.61
CA SER E 117 10.98 -35.44 16.69
C SER E 117 9.62 -34.98 17.16
N PRO E 118 8.63 -35.89 17.19
CA PRO E 118 7.31 -35.58 17.73
C PRO E 118 7.31 -35.48 19.24
N PRO E 119 6.30 -34.83 19.86
CA PRO E 119 6.22 -34.75 21.30
C PRO E 119 5.84 -36.08 21.96
N GLU E 120 6.34 -36.29 23.16
CA GLU E 120 5.72 -37.15 24.17
C GLU E 120 4.76 -36.25 24.96
N VAL E 121 3.57 -36.73 25.29
CA VAL E 121 2.50 -35.91 25.91
C VAL E 121 2.15 -36.68 27.18
N ALA E 122 2.05 -35.98 28.30
CA ALA E 122 1.63 -36.56 29.59
C ALA E 122 0.60 -35.62 30.22
N VAL E 123 -0.40 -36.17 30.85
CA VAL E 123 -1.38 -35.37 31.62
C VAL E 123 -1.21 -35.65 33.10
N PHE E 124 -1.14 -34.56 33.88
CA PHE E 124 -0.87 -34.56 35.33
C PHE E 124 -2.19 -34.21 36.00
N GLU E 125 -2.61 -35.06 36.95
CA GLU E 125 -3.94 -34.95 37.58
C GLU E 125 -3.89 -33.95 38.71
N PRO E 126 -5.01 -33.26 38.99
CA PRO E 126 -5.13 -32.37 40.12
C PRO E 126 -4.84 -33.01 41.47
N SER E 127 -4.18 -32.28 42.38
CA SER E 127 -3.86 -32.74 43.74
C SER E 127 -5.12 -32.68 44.59
N GLU E 128 -5.26 -33.59 45.54
CA GLU E 128 -6.35 -33.60 46.54
C GLU E 128 -6.29 -32.27 47.31
N ALA E 129 -5.07 -31.82 47.61
CA ALA E 129 -4.84 -30.63 48.46
C ALA E 129 -5.47 -29.42 47.75
N GLU E 130 -5.30 -29.32 46.44
CA GLU E 130 -5.92 -28.19 45.67
C GLU E 130 -7.44 -28.26 45.78
N ILE E 131 -8.01 -29.45 45.52
CA ILE E 131 -9.48 -29.68 45.53
C ILE E 131 -9.99 -29.25 46.88
N SER E 132 -9.33 -29.70 47.91
CA SER E 132 -9.84 -29.47 49.28
C SER E 132 -9.59 -28.00 49.67
N HIS E 133 -8.55 -27.32 49.18
CA HIS E 133 -8.24 -25.91 49.56
C HIS E 133 -9.12 -24.92 48.77
N THR E 134 -9.43 -25.23 47.52
CA THR E 134 -10.02 -24.26 46.56
C THR E 134 -11.35 -24.74 45.97
N GLN E 135 -11.68 -26.02 46.05
CA GLN E 135 -12.84 -26.61 45.32
C GLN E 135 -12.68 -26.43 43.82
N LYS E 136 -11.45 -26.39 43.35
CA LYS E 136 -11.17 -26.41 41.92
C LYS E 136 -10.10 -27.46 41.68
N ALA E 137 -9.92 -27.79 40.42
CA ALA E 137 -9.05 -28.88 39.97
C ALA E 137 -8.31 -28.46 38.71
N THR E 138 -6.98 -28.42 38.79
CA THR E 138 -6.11 -28.04 37.65
C THR E 138 -5.43 -29.27 37.08
N LEU E 139 -5.68 -29.55 35.80
CA LEU E 139 -4.89 -30.54 35.04
C LEU E 139 -3.74 -29.83 34.37
N VAL E 140 -2.62 -30.51 34.22
CA VAL E 140 -1.48 -29.96 33.46
C VAL E 140 -1.19 -30.95 32.37
N CYS E 141 -0.98 -30.43 31.17
CA CYS E 141 -0.43 -31.17 30.03
C CYS E 141 1.03 -30.77 29.86
N LEU E 142 1.94 -31.74 29.69
CA LEU E 142 3.33 -31.48 29.28
C LEU E 142 3.58 -32.19 27.94
N ALA E 143 4.01 -31.43 26.95
CA ALA E 143 4.49 -31.97 25.67
C ALA E 143 6.00 -31.76 25.66
N THR E 144 6.78 -32.82 25.45
CA THR E 144 8.26 -32.77 25.63
C THR E 144 8.95 -33.49 24.48
N GLY E 145 10.22 -33.12 24.27
CA GLY E 145 11.17 -33.75 23.33
C GLY E 145 10.81 -33.53 21.89
N PHE E 146 10.22 -32.41 21.52
CA PHE E 146 9.80 -32.21 20.12
C PHE E 146 10.71 -31.21 19.45
N TYR E 147 10.78 -31.35 18.14
CA TYR E 147 11.59 -30.47 17.28
C TYR E 147 11.00 -30.61 15.89
N PRO E 148 10.77 -29.54 15.14
CA PRO E 148 11.07 -28.18 15.58
C PRO E 148 9.92 -27.63 16.44
N ASP E 149 9.95 -26.33 16.67
CA ASP E 149 8.91 -25.69 17.52
C ASP E 149 7.74 -25.36 16.60
N HIS E 150 6.85 -26.33 16.38
CA HIS E 150 5.80 -26.26 15.35
C HIS E 150 4.68 -27.20 15.82
N VAL E 151 3.98 -26.80 16.87
CA VAL E 151 2.87 -27.59 17.49
C VAL E 151 1.69 -26.67 17.80
N GLU E 152 0.54 -27.28 17.98
CA GLU E 152 -0.72 -26.62 18.42
C GLU E 152 -1.30 -27.54 19.49
N LEU E 153 -1.57 -27.01 20.65
CA LEU E 153 -2.04 -27.83 21.78
C LEU E 153 -3.49 -27.44 22.04
N SER E 154 -4.38 -28.44 22.26
CA SER E 154 -5.83 -28.17 22.55
C SER E 154 -6.27 -29.18 23.61
N TRP E 155 -7.28 -28.81 24.33
CA TRP E 155 -7.90 -29.69 25.34
C TRP E 155 -9.29 -30.09 24.85
N TRP E 156 -9.65 -31.33 25.13
CA TRP E 156 -10.89 -32.00 24.66
C TRP E 156 -11.53 -32.64 25.90
N VAL E 157 -12.72 -32.17 26.27
CA VAL E 157 -13.47 -32.66 27.44
C VAL E 157 -14.72 -33.36 26.88
N ASN E 158 -14.87 -34.65 27.15
CA ASN E 158 -16.03 -35.45 26.68
C ASN E 158 -16.19 -35.32 25.15
N GLY E 159 -15.05 -35.34 24.44
CA GLY E 159 -14.95 -35.30 22.98
C GLY E 159 -15.25 -33.94 22.37
N LYS E 160 -15.19 -32.87 23.15
CA LYS E 160 -15.44 -31.52 22.62
C LYS E 160 -14.26 -30.59 22.96
N GLU E 161 -13.81 -29.82 21.99
CA GLU E 161 -12.67 -28.89 22.17
C GLU E 161 -13.12 -27.80 23.14
N VAL E 162 -12.38 -27.53 24.22
CA VAL E 162 -12.74 -26.44 25.21
C VAL E 162 -11.65 -25.36 25.17
N HIS E 163 -12.04 -24.10 25.31
CA HIS E 163 -11.17 -22.90 25.43
C HIS E 163 -11.22 -22.37 26.87
N SER E 164 -12.39 -22.46 27.49
CA SER E 164 -12.65 -22.01 28.86
C SER E 164 -11.76 -22.74 29.86
N GLY E 165 -11.08 -21.97 30.72
CA GLY E 165 -10.31 -22.56 31.84
C GLY E 165 -8.99 -23.13 31.32
N VAL E 166 -8.55 -22.74 30.12
CA VAL E 166 -7.28 -23.22 29.52
C VAL E 166 -6.28 -22.06 29.50
N CYS E 167 -5.04 -22.34 29.90
N CYS E 167 -5.02 -22.34 29.80
CA CYS E 167 -3.88 -21.49 29.50
CA CYS E 167 -3.95 -21.42 29.36
C CYS E 167 -2.77 -22.38 28.95
C CYS E 167 -2.66 -22.21 29.04
N THR E 168 -2.17 -21.99 27.84
CA THR E 168 -1.01 -22.67 27.25
C THR E 168 0.12 -21.67 27.23
N ASP E 169 1.37 -22.09 27.49
CA ASP E 169 2.55 -21.21 27.41
C ASP E 169 2.54 -20.60 25.99
N PRO E 170 2.74 -19.28 25.84
CA PRO E 170 2.77 -18.69 24.49
C PRO E 170 3.98 -19.15 23.66
N GLN E 171 5.06 -19.62 24.28
CA GLN E 171 6.15 -20.23 23.50
C GLN E 171 6.80 -21.37 24.29
N PRO E 172 7.25 -22.43 23.59
CA PRO E 172 7.86 -23.59 24.25
C PRO E 172 9.18 -23.15 24.84
N LEU E 173 9.65 -23.84 25.86
CA LEU E 173 11.04 -23.61 26.29
C LEU E 173 11.99 -24.68 25.72
N LYS E 174 13.27 -24.39 25.66
CA LYS E 174 14.32 -25.33 25.18
C LYS E 174 14.73 -26.29 26.30
N GLU E 175 14.74 -27.60 26.04
CA GLU E 175 15.21 -28.61 27.04
C GLU E 175 16.72 -28.49 27.26
N GLN E 176 17.47 -27.97 26.27
CA GLN E 176 18.93 -27.75 26.33
C GLN E 176 19.26 -26.38 25.73
N PRO E 177 19.07 -25.28 26.48
CA PRO E 177 19.20 -23.93 25.91
C PRO E 177 20.58 -23.65 25.31
N ALA E 178 21.64 -24.41 25.66
CA ALA E 178 22.99 -24.23 25.06
C ALA E 178 23.03 -24.72 23.61
N LEU E 179 22.15 -25.63 23.19
CA LEU E 179 22.20 -26.23 21.84
C LEU E 179 21.30 -25.48 20.84
N ASN E 180 21.85 -25.22 19.65
CA ASN E 180 21.18 -24.60 18.46
C ASN E 180 19.97 -25.42 18.00
N ASP E 181 19.99 -26.74 18.14
CA ASP E 181 18.86 -27.63 17.72
C ASP E 181 18.28 -28.38 18.92
N SER E 182 18.33 -27.78 20.11
CA SER E 182 17.59 -28.25 21.31
C SER E 182 16.16 -28.65 20.94
N ARG E 183 15.68 -29.73 21.56
CA ARG E 183 14.27 -30.09 21.60
C ARG E 183 13.54 -29.12 22.56
N TYR E 184 12.25 -29.10 22.41
CA TYR E 184 11.33 -28.14 23.07
C TYR E 184 10.41 -28.86 24.03
N SER E 185 9.89 -28.11 24.99
N SER E 185 9.83 -28.09 24.94
CA SER E 185 8.79 -28.55 25.85
CA SER E 185 8.80 -28.55 25.89
C SER E 185 7.75 -27.44 25.87
C SER E 185 7.77 -27.44 26.13
N LEU E 186 6.50 -27.81 26.11
CA LEU E 186 5.37 -26.86 26.23
C LEU E 186 4.46 -27.39 27.31
N SER E 187 3.90 -26.51 28.14
CA SER E 187 2.88 -26.88 29.14
C SER E 187 1.57 -26.15 28.84
N SER E 188 0.50 -26.74 29.33
CA SER E 188 -0.85 -26.14 29.32
C SER E 188 -1.59 -26.56 30.58
N ARG E 189 -2.44 -25.67 31.08
CA ARG E 189 -3.30 -25.94 32.25
C ARG E 189 -4.74 -25.96 31.74
N LEU E 190 -5.55 -26.82 32.34
CA LEU E 190 -7.02 -26.77 32.19
C LEU E 190 -7.56 -26.80 33.61
N ARG E 191 -8.29 -25.79 34.00
CA ARG E 191 -8.85 -25.79 35.36
C ARG E 191 -10.36 -26.01 35.29
N VAL E 192 -10.87 -26.90 36.12
CA VAL E 192 -12.31 -27.22 36.18
C VAL E 192 -12.77 -27.19 37.64
N SER E 193 -14.08 -27.22 37.87
CA SER E 193 -14.61 -27.29 39.24
C SER E 193 -14.24 -28.67 39.78
N ALA E 194 -14.05 -28.80 41.10
CA ALA E 194 -13.78 -30.11 41.75
C ALA E 194 -14.93 -31.08 41.45
N THR E 195 -16.17 -30.60 41.48
CA THR E 195 -17.38 -31.43 41.24
C THR E 195 -17.29 -32.02 39.83
N PHE E 196 -16.86 -31.25 38.83
CA PHE E 196 -16.70 -31.75 37.45
C PHE E 196 -15.57 -32.81 37.36
N TRP E 197 -14.47 -32.55 38.06
CA TRP E 197 -13.29 -33.46 38.11
C TRP E 197 -13.68 -34.76 38.83
N GLN E 198 -14.56 -34.65 39.81
CA GLN E 198 -14.86 -35.78 40.72
C GLN E 198 -15.84 -36.78 40.07
N ASN E 199 -16.44 -36.44 38.93
CA ASN E 199 -17.35 -37.29 38.12
C ASN E 199 -16.49 -38.20 37.26
N PRO E 200 -16.39 -39.50 37.61
CA PRO E 200 -15.44 -40.40 36.95
C PRO E 200 -15.76 -40.74 35.48
N ARG E 201 -16.91 -40.32 34.98
CA ARG E 201 -17.25 -40.52 33.56
C ARG E 201 -16.62 -39.41 32.71
N ASN E 202 -16.25 -38.27 33.33
CA ASN E 202 -15.65 -37.14 32.58
C ASN E 202 -14.28 -37.58 32.05
N HIS E 203 -14.07 -37.27 30.78
CA HIS E 203 -12.86 -37.62 30.04
C HIS E 203 -12.16 -36.32 29.62
N PHE E 204 -10.86 -36.24 29.88
CA PHE E 204 -10.00 -35.06 29.61
C PHE E 204 -8.89 -35.52 28.69
N ARG E 205 -8.75 -34.90 27.53
CA ARG E 205 -7.64 -35.25 26.64
C ARG E 205 -6.88 -33.97 26.32
N CYS E 206 -5.56 -33.98 26.42
N CYS E 206 -5.56 -34.00 26.45
CA CYS E 206 -4.75 -32.88 25.82
CA CYS E 206 -4.62 -33.02 25.85
C CYS E 206 -4.11 -33.43 24.54
C CYS E 206 -4.22 -33.55 24.47
N GLN E 207 -4.41 -32.74 23.45
CA GLN E 207 -4.03 -33.10 22.08
C GLN E 207 -2.90 -32.19 21.64
N VAL E 208 -1.81 -32.75 21.13
CA VAL E 208 -0.78 -31.93 20.47
C VAL E 208 -0.73 -32.29 19.00
N GLN E 209 -1.08 -31.35 18.14
CA GLN E 209 -0.86 -31.46 16.71
C GLN E 209 0.60 -31.09 16.45
N PHE E 210 1.35 -32.03 15.89
CA PHE E 210 2.77 -31.86 15.55
C PHE E 210 2.86 -31.73 14.04
N TYR E 211 3.61 -30.73 13.56
CA TYR E 211 3.95 -30.59 12.11
C TYR E 211 5.38 -31.03 11.89
N GLY E 212 5.53 -32.06 11.08
CA GLY E 212 6.81 -32.75 10.90
C GLY E 212 7.04 -33.12 9.46
N LEU E 213 7.47 -34.35 9.23
CA LEU E 213 7.88 -34.83 7.90
C LEU E 213 6.62 -35.24 7.13
N SER E 214 6.70 -35.16 5.82
CA SER E 214 5.63 -35.58 4.87
C SER E 214 6.00 -36.94 4.29
N GLU E 215 5.09 -37.50 3.50
CA GLU E 215 5.28 -38.80 2.77
C GLU E 215 6.58 -38.76 1.98
N ASN E 216 6.80 -37.67 1.24
CA ASN E 216 7.94 -37.43 0.30
C ASN E 216 9.28 -37.58 1.03
N ASP E 217 9.51 -36.80 2.09
CA ASP E 217 10.78 -36.75 2.88
C ASP E 217 11.32 -38.16 3.08
N GLU E 218 12.62 -38.34 2.89
CA GLU E 218 13.34 -39.61 3.18
C GLU E 218 13.59 -39.73 4.68
N TRP E 219 13.70 -40.98 5.15
CA TRP E 219 13.93 -41.28 6.58
C TRP E 219 14.82 -42.52 6.71
N THR E 220 16.02 -42.32 7.24
CA THR E 220 17.05 -43.38 7.32
C THR E 220 17.14 -43.89 8.76
N GLN E 221 16.35 -43.39 9.71
CA GLN E 221 16.58 -43.75 11.14
C GLN E 221 15.74 -44.96 11.55
N ASP E 222 16.17 -45.67 12.59
CA ASP E 222 15.47 -46.82 13.21
C ASP E 222 14.19 -46.35 13.90
N ARG E 223 14.21 -45.25 14.65
CA ARG E 223 12.97 -44.74 15.31
C ARG E 223 11.96 -44.40 14.22
N ALA E 224 10.67 -44.37 14.58
CA ALA E 224 9.54 -44.19 13.64
C ALA E 224 9.76 -42.87 12.90
N LYS E 225 9.41 -42.77 11.62
CA LYS E 225 9.49 -41.48 10.87
C LYS E 225 8.65 -40.41 11.58
N PRO E 226 9.23 -39.22 11.93
CA PRO E 226 8.50 -38.17 12.68
C PRO E 226 7.53 -37.33 11.81
N VAL E 227 6.51 -37.97 11.28
CA VAL E 227 5.54 -37.31 10.37
C VAL E 227 4.65 -36.38 11.21
N THR E 228 4.04 -35.42 10.53
CA THR E 228 2.84 -34.71 11.00
C THR E 228 1.84 -35.72 11.60
N GLN E 229 1.44 -35.50 12.82
CA GLN E 229 0.63 -36.46 13.59
C GLN E 229 0.07 -35.74 14.80
N ILE E 230 -0.94 -36.35 15.40
CA ILE E 230 -1.48 -35.90 16.68
C ILE E 230 -0.96 -36.88 17.72
N VAL E 231 -0.39 -36.34 18.78
CA VAL E 231 -0.11 -37.13 20.01
C VAL E 231 -1.03 -36.63 21.13
N SER E 232 -1.63 -37.53 21.90
CA SER E 232 -2.55 -37.09 22.99
C SER E 232 -2.22 -37.86 24.25
N ALA E 233 -2.71 -37.38 25.35
CA ALA E 233 -2.74 -38.10 26.63
C ALA E 233 -4.05 -37.77 27.30
N GLU E 234 -4.50 -38.62 28.18
CA GLU E 234 -5.88 -38.52 28.66
C GLU E 234 -5.89 -38.91 30.14
N ALA E 235 -6.91 -38.43 30.80
CA ALA E 235 -7.23 -38.72 32.21
C ALA E 235 -8.74 -38.76 32.32
N TRP E 236 -9.24 -39.62 33.20
CA TRP E 236 -10.66 -39.67 33.61
C TRP E 236 -10.81 -38.97 34.96
N GLY E 237 -12.01 -38.46 35.26
CA GLY E 237 -12.34 -37.89 36.57
C GLY E 237 -12.13 -38.94 37.66
N ARG E 238 -12.12 -38.53 38.92
CA ARG E 238 -12.16 -39.50 40.01
C ARG E 238 -12.81 -38.91 41.25
N ALA E 239 -13.72 -39.70 41.83
CA ALA E 239 -14.45 -39.41 43.09
C ALA E 239 -13.43 -39.28 44.23
N ASP E 240 -12.37 -40.08 44.15
CA ASP E 240 -11.33 -40.33 45.18
C ASP E 240 -11.90 -41.21 46.30
#